data_4EEM
#
_entry.id   4EEM
#
_cell.length_a   107.351
_cell.length_b   196.386
_cell.length_c   143.755
_cell.angle_alpha   90.00
_cell.angle_beta   90.00
_cell.angle_gamma   90.00
#
_symmetry.space_group_name_H-M   'C 2 2 21'
#
loop_
_entity.id
_entity.type
_entity.pdbx_description
1 polymer 'Beta-1,4-galactosyltransferase 1'
2 branched '2-acetamido-2-deoxy-beta-D-glucopyranose-(1-6)-methyl alpha-D-mannopyranoside'
3 non-polymer "URIDINE-5'-DIPHOSPHATE"
4 non-polymer 'MANGANESE (II) ION'
5 non-polymer 'SULFATE ION'
6 non-polymer GLYCEROL
7 water water
#
_entity_poly.entity_id   1
_entity_poly.type   'polypeptide(L)'
_entity_poly.pdbx_seq_one_letter_code
;ASMTGGQQMGRGSASLPACPEESPLLVGPMLIEFNMPVDLELVAKQNPNVKMGGRYAPRDCVSPHKVAIIIPFRNRQEHL
KYWLYYLHPVLQRQQLDYGIYVINQAGDTIFNRAKLLNVGFQEALKDYDYTCFVFSDVDLIPMNDHNAYRCFSQPRHISV
AMDKFGFSLPYVQYFGGVSALSKQQFLTINGFPNNYWGWGGEDDDIFNRLVFRGMSISRPNAVVGTTRHIRHSRDKKNEP
NPQRFDRIAHTKETMLSDGLNSLTYQVLDVQRYPLYTQITVDIGTPS
;
_entity_poly.pdbx_strand_id   A,B,C
#
loop_
_chem_comp.id
_chem_comp.type
_chem_comp.name
_chem_comp.formula
GOL non-polymer GLYCEROL 'C3 H8 O3'
MMA D-saccharide 'methyl alpha-D-mannopyranoside' 'C7 H14 O6'
MN non-polymer 'MANGANESE (II) ION' 'Mn 2'
NAG D-saccharide, beta linking 2-acetamido-2-deoxy-beta-D-glucopyranose 'C8 H15 N O6'
SO4 non-polymer 'SULFATE ION' 'O4 S -2'
UDP RNA linking URIDINE-5'-DIPHOSPHATE 'C9 H14 N2 O12 P2'
#
# COMPACT_ATOMS: atom_id res chain seq x y z
N SER A 15 -20.65 -11.56 -24.58
CA SER A 15 -19.21 -11.61 -24.98
C SER A 15 -18.17 -10.85 -24.08
N LEU A 16 -18.55 -10.32 -22.91
CA LEU A 16 -17.54 -9.93 -21.90
C LEU A 16 -16.85 -11.19 -21.36
N PRO A 17 -15.52 -11.16 -21.19
CA PRO A 17 -14.94 -12.41 -20.67
C PRO A 17 -15.15 -12.54 -19.16
N ALA A 18 -14.94 -13.74 -18.63
CA ALA A 18 -14.98 -13.96 -17.18
C ALA A 18 -13.93 -13.07 -16.53
N CYS A 19 -14.21 -12.54 -15.35
CA CYS A 19 -13.19 -11.86 -14.57
C CYS A 19 -12.09 -12.87 -14.27
N PRO A 20 -10.86 -12.41 -14.05
CA PRO A 20 -9.85 -13.35 -13.56
C PRO A 20 -10.32 -13.99 -12.23
N GLU A 21 -9.81 -15.18 -11.94
CA GLU A 21 -10.19 -15.92 -10.75
C GLU A 21 -9.89 -15.17 -9.45
N GLU A 22 -8.70 -14.58 -9.36
CA GLU A 22 -8.46 -13.63 -8.30
C GLU A 22 -8.29 -12.26 -8.88
N SER A 23 -8.90 -11.26 -8.25
CA SER A 23 -8.82 -9.93 -8.76
C SER A 23 -7.37 -9.38 -8.72
N PRO A 24 -6.93 -8.75 -9.83
CA PRO A 24 -5.63 -8.10 -9.85
C PRO A 24 -5.60 -6.71 -9.24
N LEU A 25 -6.76 -6.20 -8.84
CA LEU A 25 -6.92 -4.85 -8.31
C LEU A 25 -6.56 -4.72 -6.82
N LEU A 26 -6.48 -5.85 -6.12
CA LEU A 26 -6.33 -5.90 -4.68
C LEU A 26 -4.99 -5.28 -4.23
N VAL A 27 -5.03 -4.49 -3.17
CA VAL A 27 -3.83 -3.92 -2.59
C VAL A 27 -3.41 -4.53 -1.26
N GLY A 28 -4.15 -5.53 -0.79
CA GLY A 28 -3.89 -6.13 0.52
C GLY A 28 -4.21 -5.23 1.70
N PRO A 29 -3.24 -5.03 2.61
CA PRO A 29 -3.57 -4.44 3.89
C PRO A 29 -3.84 -2.95 3.77
N MET A 30 -4.66 -2.44 4.69
CA MET A 30 -5.32 -1.18 4.51
C MET A 30 -5.41 -0.56 5.89
N LEU A 31 -5.33 0.76 5.95
CA LEU A 31 -5.52 1.47 7.19
C LEU A 31 -7.00 1.84 7.38
N ILE A 32 -7.50 1.61 8.59
CA ILE A 32 -8.90 1.72 8.86
C ILE A 32 -9.01 2.50 10.14
N GLU A 33 -9.86 3.51 10.18
CA GLU A 33 -9.96 4.33 11.38
C GLU A 33 -11.39 4.78 11.49
N PHE A 34 -11.87 4.94 12.71
CA PHE A 34 -13.26 5.32 12.93
C PHE A 34 -13.40 6.63 13.69
N ASN A 35 -12.51 7.58 13.47
CA ASN A 35 -12.54 8.74 14.34
C ASN A 35 -12.82 10.04 13.58
N MET A 36 -13.28 9.92 12.34
CA MET A 36 -13.56 11.07 11.52
C MET A 36 -15.01 11.03 11.05
N PRO A 37 -15.62 12.19 10.73
CA PRO A 37 -17.02 12.17 10.26
C PRO A 37 -17.07 11.65 8.83
N VAL A 38 -18.21 11.10 8.42
CA VAL A 38 -18.39 10.53 7.07
C VAL A 38 -19.60 11.17 6.40
N ASP A 39 -19.47 11.47 5.12
CA ASP A 39 -20.56 12.12 4.38
CA ASP A 39 -20.59 12.07 4.42
C ASP A 39 -20.94 11.22 3.21
N LEU A 40 -22.16 10.67 3.25
CA LEU A 40 -22.52 9.60 2.30
C LEU A 40 -22.70 10.16 0.94
N GLU A 41 -23.22 11.39 0.89
CA GLU A 41 -23.15 12.16 -0.34
C GLU A 41 -21.76 12.16 -0.97
N LEU A 42 -20.75 12.41 -0.15
CA LEU A 42 -19.37 12.33 -0.64
C LEU A 42 -18.90 10.88 -0.93
N VAL A 43 -19.26 9.94 -0.05
CA VAL A 43 -18.97 8.53 -0.36
C VAL A 43 -19.57 8.18 -1.72
N ALA A 44 -20.78 8.67 -2.00
CA ALA A 44 -21.43 8.35 -3.26
C ALA A 44 -20.64 8.95 -4.43
N LYS A 45 -20.21 10.21 -4.29
CA LYS A 45 -19.36 10.85 -5.28
C LYS A 45 -18.02 10.15 -5.45
N GLN A 46 -17.41 9.71 -4.35
CA GLN A 46 -16.20 8.88 -4.48
C GLN A 46 -16.45 7.47 -5.08
N ASN A 47 -17.71 7.03 -5.11
CA ASN A 47 -17.99 5.72 -5.70
C ASN A 47 -18.97 5.75 -6.88
N PRO A 48 -18.62 6.52 -7.94
CA PRO A 48 -19.60 6.81 -9.00
C PRO A 48 -20.10 5.58 -9.74
N ASN A 49 -19.39 4.46 -9.63
CA ASN A 49 -19.87 3.31 -10.41
C ASN A 49 -20.92 2.50 -9.65
N VAL A 50 -21.15 2.88 -8.41
CA VAL A 50 -22.13 2.20 -7.61
C VAL A 50 -23.50 2.77 -7.94
N LYS A 51 -24.40 1.90 -8.41
CA LYS A 51 -25.72 2.30 -8.90
C LYS A 51 -26.80 2.32 -7.85
N MET A 52 -27.93 2.94 -8.17
CA MET A 52 -28.96 3.18 -7.17
C MET A 52 -29.32 1.88 -6.43
N GLY A 53 -29.44 1.95 -5.11
CA GLY A 53 -29.67 0.74 -4.31
C GLY A 53 -28.43 0.03 -3.82
N GLY A 54 -27.26 0.58 -4.18
CA GLY A 54 -25.96 0.05 -3.80
C GLY A 54 -25.61 -1.19 -4.59
N ARG A 55 -25.66 -1.11 -5.92
CA ARG A 55 -25.48 -2.23 -6.82
C ARG A 55 -24.30 -1.97 -7.76
N TYR A 56 -23.48 -2.99 -8.02
CA TYR A 56 -22.30 -2.80 -8.82
C TYR A 56 -21.97 -4.14 -9.45
N ALA A 57 -21.65 -4.13 -10.75
CA ALA A 57 -20.98 -5.26 -11.38
C ALA A 57 -19.83 -4.64 -12.17
N PRO A 58 -18.72 -5.34 -12.39
CA PRO A 58 -17.66 -4.70 -13.13
C PRO A 58 -18.05 -4.44 -14.60
N ARG A 59 -17.57 -3.33 -15.15
CA ARG A 59 -17.86 -3.07 -16.56
C ARG A 59 -17.06 -3.92 -17.55
N ASP A 60 -15.89 -4.43 -17.15
CA ASP A 60 -14.98 -5.03 -18.11
C ASP A 60 -15.01 -6.56 -18.16
N CYS A 61 -15.68 -7.20 -17.20
CA CYS A 61 -15.69 -8.67 -17.16
C CYS A 61 -16.89 -9.11 -16.36
N VAL A 62 -17.29 -10.37 -16.52
CA VAL A 62 -18.44 -10.93 -15.85
C VAL A 62 -17.97 -11.69 -14.58
N SER A 63 -18.41 -11.27 -13.41
CA SER A 63 -18.08 -11.96 -12.16
C SER A 63 -18.95 -13.19 -11.93
N PRO A 64 -18.35 -14.33 -11.55
CA PRO A 64 -19.17 -15.47 -11.18
C PRO A 64 -19.75 -15.28 -9.75
N HIS A 65 -19.35 -14.19 -9.07
CA HIS A 65 -19.85 -13.95 -7.72
C HIS A 65 -21.00 -12.97 -7.70
N LYS A 66 -22.21 -13.51 -7.53
CA LYS A 66 -23.44 -12.71 -7.53
C LYS A 66 -23.88 -12.71 -6.10
N VAL A 67 -23.50 -11.62 -5.45
CA VAL A 67 -23.41 -11.58 -4.03
C VAL A 67 -24.40 -10.59 -3.46
N ALA A 68 -25.30 -11.03 -2.59
CA ALA A 68 -26.08 -10.09 -1.87
C ALA A 68 -25.48 -9.94 -0.49
N ILE A 69 -25.19 -8.72 -0.07
CA ILE A 69 -24.61 -8.48 1.25
C ILE A 69 -25.70 -8.01 2.22
N ILE A 70 -25.83 -8.71 3.34
CA ILE A 70 -26.97 -8.56 4.22
C ILE A 70 -26.54 -8.10 5.59
N ILE A 71 -27.07 -6.95 6.01
CA ILE A 71 -26.67 -6.36 7.28
C ILE A 71 -27.85 -6.29 8.27
N PRO A 72 -27.77 -6.97 9.40
CA PRO A 72 -28.89 -6.80 10.32
C PRO A 72 -28.72 -5.48 11.03
N PHE A 73 -29.79 -4.75 11.28
CA PHE A 73 -29.69 -3.33 11.57
C PHE A 73 -30.83 -2.82 12.44
N ARG A 74 -30.51 -2.03 13.45
CA ARG A 74 -31.47 -1.07 14.00
C ARG A 74 -30.64 -0.01 14.74
N ASN A 75 -30.81 1.27 14.38
CA ASN A 75 -30.23 2.37 15.18
C ASN A 75 -28.70 2.29 15.27
N ARG A 76 -28.05 2.13 14.13
CA ARG A 76 -26.60 2.09 14.05
C ARG A 76 -26.25 2.88 12.80
N GLN A 77 -26.90 4.03 12.59
CA GLN A 77 -26.60 4.83 11.41
C GLN A 77 -25.12 5.19 11.27
N GLU A 78 -24.46 5.50 12.38
CA GLU A 78 -23.07 5.99 12.30
C GLU A 78 -22.14 4.85 11.88
N HIS A 79 -22.33 3.67 12.48
CA HIS A 79 -21.54 2.50 12.10
C HIS A 79 -21.75 2.21 10.63
N LEU A 80 -23.00 2.32 10.20
CA LEU A 80 -23.31 2.01 8.83
C LEU A 80 -22.60 2.93 7.83
N LYS A 81 -22.50 4.22 8.14
CA LYS A 81 -21.74 5.09 7.24
C LYS A 81 -20.28 4.67 7.16
N TYR A 82 -19.67 4.32 8.29
CA TYR A 82 -18.31 3.76 8.18
C TYR A 82 -18.27 2.50 7.32
N TRP A 83 -19.26 1.61 7.53
CA TRP A 83 -19.27 0.36 6.81
C TRP A 83 -19.29 0.64 5.31
N LEU A 84 -20.15 1.56 4.90
CA LEU A 84 -20.32 1.87 3.48
C LEU A 84 -19.08 2.55 2.91
N TYR A 85 -18.49 3.45 3.69
CA TYR A 85 -17.24 4.13 3.28
C TYR A 85 -16.14 3.13 2.99
N TYR A 86 -15.95 2.15 3.88
CA TYR A 86 -14.83 1.22 3.74
C TYR A 86 -15.14 0.06 2.75
N LEU A 87 -16.34 -0.53 2.82
CA LEU A 87 -16.61 -1.77 2.08
C LEU A 87 -16.79 -1.54 0.58
N HIS A 88 -17.42 -0.42 0.24
CA HIS A 88 -17.78 -0.24 -1.17
C HIS A 88 -16.52 -0.24 -2.05
N PRO A 89 -15.48 0.52 -1.67
CA PRO A 89 -14.29 0.43 -2.54
C PRO A 89 -13.69 -0.98 -2.54
N VAL A 90 -13.75 -1.68 -1.40
CA VAL A 90 -13.18 -3.04 -1.32
C VAL A 90 -13.95 -4.01 -2.23
N LEU A 91 -15.27 -3.89 -2.24
CA LEU A 91 -16.10 -4.84 -2.98
C LEU A 91 -15.94 -4.62 -4.48
N GLN A 92 -15.77 -3.36 -4.91
CA GLN A 92 -15.47 -3.13 -6.32
C GLN A 92 -14.11 -3.68 -6.72
N ARG A 93 -13.10 -3.51 -5.88
CA ARG A 93 -11.77 -4.11 -6.25
C ARG A 93 -11.81 -5.61 -6.34
N GLN A 94 -12.68 -6.22 -5.53
CA GLN A 94 -12.90 -7.69 -5.59
C GLN A 94 -13.70 -8.11 -6.82
N GLN A 95 -14.16 -7.15 -7.62
CA GLN A 95 -14.79 -7.51 -8.90
C GLN A 95 -16.09 -8.31 -8.79
N LEU A 96 -16.84 -8.06 -7.72
CA LEU A 96 -18.05 -8.81 -7.40
C LEU A 96 -19.23 -8.17 -8.12
N ASP A 97 -20.19 -8.99 -8.50
CA ASP A 97 -21.48 -8.48 -8.97
C ASP A 97 -22.36 -8.43 -7.72
N TYR A 98 -22.46 -7.30 -7.03
CA TYR A 98 -23.00 -7.33 -5.67
C TYR A 98 -24.11 -6.33 -5.39
N GLY A 99 -24.83 -6.50 -4.29
CA GLY A 99 -25.75 -5.44 -3.82
C GLY A 99 -25.79 -5.40 -2.30
N ILE A 100 -26.08 -4.25 -1.72
CA ILE A 100 -26.08 -4.16 -0.28
C ILE A 100 -27.50 -4.08 0.23
N TYR A 101 -27.85 -4.84 1.28
CA TYR A 101 -29.18 -4.80 1.88
C TYR A 101 -29.04 -4.56 3.38
N VAL A 102 -29.60 -3.47 3.90
CA VAL A 102 -29.63 -3.20 5.34
C VAL A 102 -31.02 -3.59 5.79
N ILE A 103 -31.12 -4.52 6.73
CA ILE A 103 -32.43 -5.06 7.07
C ILE A 103 -32.78 -4.46 8.42
N ASN A 104 -33.68 -3.48 8.36
CA ASN A 104 -33.88 -2.57 9.46
C ASN A 104 -35.09 -3.06 10.26
N GLN A 105 -34.90 -3.39 11.53
CA GLN A 105 -35.95 -3.97 12.34
C GLN A 105 -36.91 -2.88 12.82
N ALA A 106 -38.16 -2.88 12.36
CA ALA A 106 -39.15 -1.90 12.84
C ALA A 106 -39.45 -2.04 14.32
N GLY A 107 -39.93 -0.98 14.97
CA GLY A 107 -40.39 -1.10 16.37
C GLY A 107 -39.25 -1.07 17.38
N ASP A 108 -39.55 -1.20 18.66
CA ASP A 108 -38.54 -1.05 19.70
C ASP A 108 -38.61 -2.20 20.68
N THR A 109 -39.02 -3.37 20.17
CA THR A 109 -38.99 -4.58 20.98
C THR A 109 -37.69 -5.37 20.76
N ILE A 110 -37.50 -6.44 21.53
CA ILE A 110 -36.22 -7.16 21.53
C ILE A 110 -35.70 -7.53 20.11
N PHE A 111 -34.43 -7.25 19.88
CA PHE A 111 -33.73 -7.50 18.63
C PHE A 111 -33.63 -8.99 18.26
N ASN A 112 -33.64 -9.26 16.97
CA ASN A 112 -33.53 -10.63 16.46
C ASN A 112 -32.63 -10.68 15.22
N ARG A 113 -31.33 -10.82 15.46
CA ARG A 113 -30.33 -10.76 14.38
C ARG A 113 -30.56 -11.80 13.28
N ALA A 114 -30.69 -13.06 13.68
CA ALA A 114 -30.80 -14.13 12.64
C ALA A 114 -32.11 -14.07 11.87
N LYS A 115 -33.18 -13.58 12.50
CA LYS A 115 -34.44 -13.51 11.75
C LYS A 115 -34.35 -12.44 10.68
N LEU A 116 -33.67 -11.34 11.01
CA LEU A 116 -33.41 -10.28 10.00
C LEU A 116 -32.59 -10.80 8.82
N LEU A 117 -31.59 -11.61 9.14
CA LEU A 117 -30.76 -12.22 8.11
C LEU A 117 -31.59 -13.08 7.15
N ASN A 118 -32.52 -13.87 7.68
CA ASN A 118 -33.44 -14.66 6.81
C ASN A 118 -34.31 -13.77 5.93
N VAL A 119 -34.82 -12.70 6.55
CA VAL A 119 -35.60 -11.73 5.74
C VAL A 119 -34.72 -11.22 4.61
N GLY A 120 -33.47 -10.86 4.94
CA GLY A 120 -32.60 -10.36 3.88
C GLY A 120 -32.36 -11.33 2.74
N PHE A 121 -32.12 -12.60 3.07
CA PHE A 121 -31.94 -13.61 2.03
C PHE A 121 -33.18 -13.67 1.13
N GLN A 122 -34.33 -13.76 1.78
CA GLN A 122 -35.55 -13.98 1.01
C GLN A 122 -35.88 -12.71 0.19
N GLU A 123 -35.72 -11.52 0.76
CA GLU A 123 -36.04 -10.31 -0.02
C GLU A 123 -35.03 -10.00 -1.10
N ALA A 124 -33.74 -10.21 -0.84
CA ALA A 124 -32.76 -9.94 -1.91
C ALA A 124 -33.04 -10.79 -3.12
N LEU A 125 -33.51 -12.02 -2.93
CA LEU A 125 -33.75 -12.91 -4.08
C LEU A 125 -34.79 -12.36 -5.05
N LYS A 126 -35.62 -11.44 -4.55
CA LYS A 126 -36.63 -10.85 -5.40
C LYS A 126 -36.06 -9.77 -6.34
N ASP A 127 -34.88 -9.22 -6.02
CA ASP A 127 -34.31 -8.18 -6.88
C ASP A 127 -33.57 -8.79 -8.04
N TYR A 128 -32.95 -9.95 -7.83
CA TYR A 128 -31.90 -10.39 -8.74
C TYR A 128 -31.52 -11.83 -8.40
N ASP A 129 -31.01 -12.54 -9.40
CA ASP A 129 -30.58 -13.91 -9.23
C ASP A 129 -29.27 -14.03 -8.41
N TYR A 130 -29.27 -13.59 -7.16
CA TYR A 130 -28.09 -13.76 -6.30
C TYR A 130 -27.88 -15.24 -6.05
N THR A 131 -26.63 -15.69 -6.05
CA THR A 131 -26.29 -17.08 -5.71
C THR A 131 -25.35 -17.19 -4.52
N CYS A 132 -25.08 -16.08 -3.84
CA CYS A 132 -24.11 -16.03 -2.75
C CYS A 132 -24.59 -14.97 -1.76
N PHE A 133 -24.47 -15.24 -0.47
CA PHE A 133 -24.99 -14.34 0.55
C PHE A 133 -23.94 -14.07 1.59
N VAL A 134 -23.55 -12.81 1.74
CA VAL A 134 -22.58 -12.49 2.78
C VAL A 134 -23.41 -11.92 3.94
N PHE A 135 -23.28 -12.46 5.14
CA PHE A 135 -23.97 -11.88 6.26
C PHE A 135 -22.95 -11.15 7.13
N SER A 136 -23.13 -9.83 7.30
CA SER A 136 -22.15 -8.99 7.95
C SER A 136 -22.82 -8.11 8.97
N ASP A 137 -22.35 -8.21 10.22
CA ASP A 137 -22.69 -7.20 11.22
C ASP A 137 -22.23 -5.83 10.74
N VAL A 138 -22.85 -4.78 11.27
CA VAL A 138 -22.68 -3.44 10.74
C VAL A 138 -21.35 -2.80 11.17
N ASP A 139 -20.74 -3.30 12.24
CA ASP A 139 -19.63 -2.66 12.87
C ASP A 139 -18.33 -3.44 12.65
N LEU A 140 -18.24 -4.19 11.54
CA LEU A 140 -17.06 -5.00 11.28
C LEU A 140 -16.51 -4.65 9.91
N ILE A 141 -15.24 -4.28 9.92
CA ILE A 141 -14.56 -3.74 8.78
C ILE A 141 -13.28 -4.53 8.61
N PRO A 142 -13.11 -5.08 7.40
CA PRO A 142 -11.98 -5.90 7.03
C PRO A 142 -10.73 -5.02 6.79
N MET A 143 -9.57 -5.50 7.23
CA MET A 143 -8.32 -4.73 7.08
C MET A 143 -7.51 -5.10 5.86
N ASN A 144 -7.98 -6.10 5.11
CA ASN A 144 -7.19 -6.60 4.01
C ASN A 144 -8.09 -7.03 2.88
N ASP A 145 -7.96 -6.39 1.72
CA ASP A 145 -8.92 -6.70 0.66
C ASP A 145 -8.70 -8.05 0.04
N HIS A 146 -7.74 -8.81 0.54
CA HIS A 146 -7.58 -10.19 0.08
C HIS A 146 -8.59 -11.11 0.76
N ASN A 147 -9.32 -10.56 1.72
CA ASN A 147 -10.29 -11.34 2.46
C ASN A 147 -11.60 -11.33 1.66
N ALA A 148 -11.90 -12.41 0.94
CA ALA A 148 -12.88 -12.34 -0.19
C ALA A 148 -14.30 -12.39 0.36
N TYR A 149 -15.11 -11.42 -0.05
CA TYR A 149 -16.48 -11.27 0.45
C TYR A 149 -17.39 -11.97 -0.55
N ARG A 150 -17.15 -13.25 -0.75
CA ARG A 150 -17.99 -14.02 -1.68
C ARG A 150 -17.96 -15.46 -1.18
N CYS A 151 -18.62 -16.36 -1.90
CA CYS A 151 -18.84 -17.76 -1.47
C CYS A 151 -17.77 -18.76 -1.96
N PHE A 152 -17.66 -19.89 -1.26
CA PHE A 152 -16.68 -20.94 -1.56
C PHE A 152 -17.44 -22.27 -1.60
N SER A 153 -16.73 -23.38 -1.78
CA SER A 153 -17.43 -24.64 -1.88
C SER A 153 -17.87 -25.14 -0.48
N GLN A 154 -17.43 -24.47 0.58
CA GLN A 154 -17.91 -24.71 1.92
C GLN A 154 -18.29 -23.35 2.53
N PRO A 155 -19.18 -23.33 3.53
CA PRO A 155 -19.55 -22.06 4.17
C PRO A 155 -18.28 -21.36 4.62
N ARG A 156 -18.26 -20.04 4.47
CA ARG A 156 -17.05 -19.24 4.64
C ARG A 156 -17.18 -18.34 5.85
N HIS A 157 -16.25 -18.45 6.78
CA HIS A 157 -16.21 -17.53 7.88
C HIS A 157 -15.16 -16.48 7.55
N ILE A 158 -15.55 -15.21 7.59
CA ILE A 158 -14.76 -14.13 6.99
C ILE A 158 -14.06 -13.29 8.07
N SER A 159 -14.77 -12.90 9.12
CA SER A 159 -14.17 -12.11 10.14
C SER A 159 -13.40 -12.99 11.14
N VAL A 160 -12.28 -13.55 10.72
CA VAL A 160 -11.61 -14.56 11.52
C VAL A 160 -10.64 -14.03 12.57
N ALA A 161 -10.17 -12.79 12.43
CA ALA A 161 -9.13 -12.29 13.33
C ALA A 161 -9.44 -10.85 13.69
N MET A 162 -10.42 -10.73 14.57
CA MET A 162 -10.94 -9.45 14.98
C MET A 162 -10.07 -8.84 16.06
N ASP A 163 -9.88 -7.53 16.00
CA ASP A 163 -9.09 -6.84 17.00
C ASP A 163 -9.64 -7.09 18.40
N LYS A 164 -10.95 -7.08 18.54
CA LYS A 164 -11.58 -7.28 19.86
C LYS A 164 -11.38 -8.68 20.45
N PHE A 165 -10.98 -9.65 19.65
CA PHE A 165 -10.58 -10.95 20.23
C PHE A 165 -9.06 -11.16 20.11
N GLY A 166 -8.27 -10.08 20.09
CA GLY A 166 -6.81 -10.22 19.96
C GLY A 166 -6.32 -10.70 18.61
N PHE A 167 -7.03 -10.36 17.54
CA PHE A 167 -6.61 -10.83 16.21
C PHE A 167 -6.47 -12.35 16.10
N SER A 168 -7.38 -13.09 16.73
CA SER A 168 -7.60 -14.50 16.39
C SER A 168 -9.02 -14.95 16.73
N LEU A 169 -9.30 -16.23 16.53
CA LEU A 169 -10.65 -16.71 16.73
C LEU A 169 -10.88 -16.77 18.24
N PRO A 170 -12.04 -16.37 18.74
CA PRO A 170 -12.17 -16.58 20.19
C PRO A 170 -12.32 -18.06 20.52
N TYR A 171 -12.86 -18.88 19.61
CA TYR A 171 -12.82 -20.34 19.74
C TYR A 171 -12.93 -20.90 18.32
N VAL A 172 -12.48 -22.13 18.10
CA VAL A 172 -12.34 -22.59 16.74
C VAL A 172 -13.68 -22.81 16.07
N GLN A 173 -14.73 -23.00 16.88
CA GLN A 173 -16.06 -23.07 16.26
C GLN A 173 -16.82 -21.72 16.14
N TYR A 174 -16.15 -20.59 16.40
CA TYR A 174 -16.81 -19.30 16.26
C TYR A 174 -17.17 -19.05 14.80
N PHE A 175 -18.41 -18.61 14.54
CA PHE A 175 -18.86 -18.40 13.19
C PHE A 175 -19.63 -17.05 13.17
N GLY A 176 -19.46 -16.23 14.19
CA GLY A 176 -20.07 -14.91 14.18
C GLY A 176 -19.35 -13.83 13.33
N GLY A 177 -20.04 -12.71 13.13
CA GLY A 177 -19.42 -11.50 12.67
C GLY A 177 -19.74 -11.33 11.19
N VAL A 178 -18.93 -11.93 10.35
CA VAL A 178 -19.15 -11.85 8.92
C VAL A 178 -18.98 -13.23 8.40
N SER A 179 -19.94 -13.67 7.58
CA SER A 179 -19.79 -14.95 6.95
C SER A 179 -20.42 -14.96 5.55
N ALA A 180 -20.16 -16.01 4.80
CA ALA A 180 -20.75 -16.13 3.47
C ALA A 180 -21.22 -17.55 3.21
N LEU A 181 -22.48 -17.69 2.84
CA LEU A 181 -23.02 -18.97 2.38
C LEU A 181 -23.54 -18.86 0.93
N SER A 182 -23.26 -19.87 0.11
CA SER A 182 -23.91 -19.93 -1.20
C SER A 182 -25.42 -20.13 -0.97
N LYS A 183 -26.19 -19.91 -2.02
CA LYS A 183 -27.63 -20.05 -1.95
C LYS A 183 -27.96 -21.50 -1.53
N GLN A 184 -27.21 -22.43 -2.10
CA GLN A 184 -27.40 -23.86 -1.82
C GLN A 184 -27.01 -24.25 -0.39
N GLN A 185 -25.90 -23.75 0.12
CA GLN A 185 -25.57 -23.96 1.51
C GLN A 185 -26.67 -23.45 2.46
N PHE A 186 -27.13 -22.22 2.22
CA PHE A 186 -28.15 -21.60 3.07
C PHE A 186 -29.45 -22.46 3.00
N LEU A 187 -29.83 -22.89 1.80
CA LEU A 187 -31.07 -23.65 1.69
C LEU A 187 -30.93 -25.01 2.38
N THR A 188 -29.73 -25.60 2.27
CA THR A 188 -29.49 -26.90 2.83
C THR A 188 -29.68 -26.87 4.35
N ILE A 189 -29.38 -25.79 5.02
CA ILE A 189 -29.61 -25.78 6.48
C ILE A 189 -30.98 -25.20 6.89
N ASN A 190 -31.88 -24.99 5.93
CA ASN A 190 -33.18 -24.36 6.23
C ASN A 190 -32.93 -22.95 6.78
N GLY A 191 -31.87 -22.32 6.28
CA GLY A 191 -31.55 -20.95 6.64
C GLY A 191 -31.24 -20.87 8.12
N PHE A 192 -31.53 -19.73 8.73
CA PHE A 192 -31.10 -19.49 10.09
C PHE A 192 -32.26 -19.61 11.03
N PRO A 193 -32.00 -19.82 12.35
CA PRO A 193 -33.12 -19.92 13.29
C PRO A 193 -33.83 -18.55 13.43
N ASN A 194 -35.14 -18.61 13.66
CA ASN A 194 -36.00 -17.45 13.87
C ASN A 194 -36.19 -17.11 15.36
N ASN A 195 -35.83 -18.01 16.26
CA ASN A 195 -36.21 -17.77 17.65
C ASN A 195 -35.08 -17.47 18.61
N TYR A 196 -33.97 -16.91 18.10
CA TYR A 196 -32.97 -16.37 18.96
C TYR A 196 -33.20 -14.87 19.17
N TRP A 197 -33.87 -14.51 20.27
CA TRP A 197 -34.27 -13.14 20.56
C TRP A 197 -33.26 -12.60 21.54
N GLY A 198 -32.70 -11.41 21.25
CA GLY A 198 -31.70 -10.85 22.15
C GLY A 198 -30.33 -11.47 21.88
N TRP A 199 -29.31 -11.05 22.62
CA TRP A 199 -27.93 -11.32 22.23
C TRP A 199 -27.53 -12.77 22.48
N GLY A 200 -26.86 -13.34 21.47
CA GLY A 200 -25.99 -14.50 21.74
C GLY A 200 -26.50 -15.80 21.18
N GLY A 201 -25.57 -16.59 20.62
CA GLY A 201 -25.84 -18.00 20.34
C GLY A 201 -26.43 -18.32 18.96
N GLU A 202 -27.15 -17.39 18.34
CA GLU A 202 -27.71 -17.70 17.01
C GLU A 202 -26.61 -18.10 16.07
N ASP A 203 -25.40 -17.57 16.25
CA ASP A 203 -24.28 -17.88 15.33
C ASP A 203 -23.72 -19.27 15.58
N ASP A 204 -23.73 -19.69 16.86
CA ASP A 204 -23.38 -21.05 17.23
C ASP A 204 -24.39 -22.06 16.68
N ASP A 205 -25.67 -21.68 16.73
CA ASP A 205 -26.71 -22.51 16.17
C ASP A 205 -26.45 -22.70 14.68
N ILE A 206 -26.12 -21.61 13.99
CA ILE A 206 -25.84 -21.68 12.54
C ILE A 206 -24.62 -22.60 12.27
N PHE A 207 -23.56 -22.49 13.09
CA PHE A 207 -22.44 -23.44 12.99
C PHE A 207 -22.93 -24.88 13.12
N ASN A 208 -23.69 -25.18 14.20
CA ASN A 208 -24.30 -26.50 14.36
C ASN A 208 -25.01 -26.98 13.08
N ARG A 209 -25.84 -26.11 12.50
CA ARG A 209 -26.60 -26.46 11.30
C ARG A 209 -25.67 -26.89 10.20
N LEU A 210 -24.62 -26.12 9.94
CA LEU A 210 -23.71 -26.47 8.85
C LEU A 210 -23.08 -27.85 9.11
N VAL A 211 -22.66 -28.09 10.32
CA VAL A 211 -21.98 -29.34 10.65
C VAL A 211 -22.93 -30.51 10.54
N PHE A 212 -24.21 -30.30 10.93
CA PHE A 212 -25.17 -31.39 10.83
C PHE A 212 -25.60 -31.63 9.43
N ARG A 213 -25.27 -30.74 8.50
CA ARG A 213 -25.55 -31.05 7.12
C ARG A 213 -24.28 -31.39 6.33
N GLY A 214 -23.20 -31.77 7.01
CA GLY A 214 -22.06 -32.40 6.29
C GLY A 214 -21.00 -31.39 5.82
N MET A 215 -21.05 -30.17 6.37
CA MET A 215 -20.14 -29.12 5.87
C MET A 215 -19.10 -28.79 6.88
N SER A 216 -18.08 -28.05 6.48
CA SER A 216 -17.14 -27.52 7.45
C SER A 216 -16.84 -26.06 7.06
N ILE A 217 -16.10 -25.36 7.90
CA ILE A 217 -15.98 -23.94 7.81
C ILE A 217 -14.68 -23.68 7.08
N SER A 218 -14.77 -22.96 5.98
CA SER A 218 -13.61 -22.44 5.26
C SER A 218 -13.28 -21.00 5.80
N ARG A 219 -11.99 -20.69 5.94
CA ARG A 219 -11.52 -19.44 6.51
C ARG A 219 -10.30 -18.94 5.74
N PRO A 220 -10.15 -17.62 5.54
CA PRO A 220 -8.80 -17.17 5.15
C PRO A 220 -7.82 -17.32 6.31
N ASN A 221 -6.51 -17.13 6.06
CA ASN A 221 -5.55 -17.11 7.18
C ASN A 221 -5.77 -15.93 8.12
N ALA A 222 -5.21 -15.99 9.33
CA ALA A 222 -5.35 -14.92 10.33
C ALA A 222 -4.87 -13.52 9.91
N VAL A 223 -3.99 -13.49 8.91
CA VAL A 223 -3.43 -12.20 8.57
C VAL A 223 -4.40 -11.60 7.57
N VAL A 224 -4.75 -12.33 6.52
CA VAL A 224 -5.70 -11.77 5.55
C VAL A 224 -7.03 -11.47 6.22
N GLY A 225 -7.36 -12.26 7.25
CA GLY A 225 -8.69 -12.20 7.89
C GLY A 225 -8.79 -11.19 9.01
N THR A 226 -7.75 -10.36 9.20
CA THR A 226 -7.81 -9.35 10.24
CA THR A 226 -7.80 -9.33 10.23
C THR A 226 -8.96 -8.37 9.98
N THR A 227 -9.65 -8.01 11.05
CA THR A 227 -10.88 -7.24 11.00
C THR A 227 -10.98 -6.27 12.18
N ARG A 228 -11.53 -5.10 11.91
CA ARG A 228 -11.74 -4.13 12.97
C ARG A 228 -13.19 -4.11 13.38
N HIS A 229 -13.42 -4.07 14.68
CA HIS A 229 -14.75 -3.87 15.21
C HIS A 229 -14.88 -2.46 15.75
N ILE A 230 -15.88 -1.70 15.30
CA ILE A 230 -16.08 -0.37 15.86
C ILE A 230 -16.54 -0.47 17.30
N ARG A 231 -15.72 0.02 18.25
CA ARG A 231 -16.08 -0.05 19.68
C ARG A 231 -17.36 0.76 19.90
N HIS A 232 -18.24 0.25 20.74
CA HIS A 232 -19.54 0.87 20.98
C HIS A 232 -20.07 0.31 22.29
N SER A 233 -21.07 0.96 22.87
CA SER A 233 -21.63 0.46 24.12
C SER A 233 -22.83 -0.43 23.84
N ARG A 234 -23.39 -1.04 24.89
CA ARG A 234 -24.50 -1.97 24.74
C ARG A 234 -25.69 -1.29 24.09
N ASP A 235 -26.30 -1.95 23.12
CA ASP A 235 -27.59 -1.52 22.60
C ASP A 235 -28.61 -1.93 23.63
N LYS A 236 -29.62 -1.10 23.87
CA LYS A 236 -30.81 -1.52 24.63
C LYS A 236 -31.66 -2.41 23.74
N LYS A 237 -32.45 -3.30 24.35
CA LYS A 237 -33.35 -4.22 23.63
C LYS A 237 -32.62 -5.32 22.87
N ASN A 238 -31.41 -5.63 23.31
CA ASN A 238 -30.71 -6.81 22.84
C ASN A 238 -29.87 -7.43 23.96
N GLU A 239 -30.49 -7.59 25.14
CA GLU A 239 -29.89 -8.26 26.29
C GLU A 239 -29.56 -9.72 25.97
N PRO A 240 -28.47 -10.24 26.60
CA PRO A 240 -28.19 -11.68 26.52
C PRO A 240 -29.46 -12.48 26.71
N ASN A 241 -29.75 -13.31 25.73
CA ASN A 241 -30.80 -14.31 25.78
C ASN A 241 -30.37 -15.45 26.72
N PRO A 242 -31.08 -15.62 27.84
CA PRO A 242 -30.73 -16.63 28.85
C PRO A 242 -31.06 -18.05 28.39
N GLN A 243 -31.92 -18.20 27.37
CA GLN A 243 -32.23 -19.50 26.77
C GLN A 243 -31.26 -19.96 25.66
N ARG A 244 -30.23 -19.14 25.40
CA ARG A 244 -29.30 -19.45 24.31
C ARG A 244 -28.57 -20.79 24.47
N PHE A 245 -28.13 -21.12 25.69
CA PHE A 245 -27.37 -22.35 25.94
C PHE A 245 -28.21 -23.63 25.72
N ASP A 246 -29.46 -23.59 26.15
CA ASP A 246 -30.40 -24.67 25.82
C ASP A 246 -30.72 -24.71 24.35
N ARG A 247 -30.92 -23.54 23.75
CA ARG A 247 -31.23 -23.53 22.33
C ARG A 247 -30.18 -24.20 21.46
N ILE A 248 -28.90 -23.89 21.69
CA ILE A 248 -27.84 -24.41 20.84
C ILE A 248 -27.60 -25.91 21.02
N ALA A 249 -27.96 -26.44 22.18
CA ALA A 249 -27.86 -27.86 22.43
C ALA A 249 -28.88 -28.67 21.63
N HIS A 250 -29.92 -28.03 21.10
CA HIS A 250 -30.95 -28.83 20.41
C HIS A 250 -31.09 -28.54 18.93
N THR A 251 -30.10 -27.87 18.35
CA THR A 251 -30.20 -27.40 16.93
C THR A 251 -30.57 -28.50 15.94
N LYS A 252 -30.00 -29.67 16.14
CA LYS A 252 -30.22 -30.74 15.17
C LYS A 252 -31.70 -31.05 15.03
N GLU A 253 -32.39 -31.12 16.15
CA GLU A 253 -33.85 -31.30 16.07
C GLU A 253 -34.58 -30.01 15.65
N THR A 254 -34.28 -28.88 16.27
CA THR A 254 -35.07 -27.72 15.97
C THR A 254 -34.90 -27.18 14.55
N MET A 255 -33.77 -27.42 13.89
CA MET A 255 -33.51 -26.81 12.57
C MET A 255 -34.41 -27.41 11.53
N LEU A 256 -34.92 -28.59 11.81
CA LEU A 256 -35.79 -29.23 10.80
C LEU A 256 -37.03 -28.39 10.56
N SER A 257 -37.51 -27.67 11.55
CA SER A 257 -38.81 -27.03 11.37
C SER A 257 -38.79 -25.55 11.82
N ASP A 258 -37.62 -25.04 12.19
CA ASP A 258 -37.43 -23.61 12.47
C ASP A 258 -36.40 -22.92 11.57
N GLY A 259 -36.85 -21.92 10.83
CA GLY A 259 -35.99 -21.30 9.81
C GLY A 259 -36.77 -20.82 8.61
N LEU A 260 -36.18 -20.98 7.43
CA LEU A 260 -36.85 -20.57 6.22
C LEU A 260 -38.25 -21.15 6.09
N ASN A 261 -38.37 -22.45 6.38
CA ASN A 261 -39.66 -23.12 6.24
C ASN A 261 -40.67 -22.76 7.36
N SER A 262 -40.32 -21.90 8.32
CA SER A 262 -41.29 -21.40 9.30
C SER A 262 -41.28 -19.86 9.42
N LEU A 263 -40.77 -19.17 8.40
CA LEU A 263 -40.55 -17.74 8.48
C LEU A 263 -41.79 -16.96 7.94
N THR A 264 -42.22 -15.95 8.71
CA THR A 264 -43.03 -14.85 8.15
C THR A 264 -42.56 -13.52 8.70
N TYR A 265 -42.91 -12.44 7.99
CA TYR A 265 -42.58 -11.09 8.41
C TYR A 265 -43.43 -10.17 7.52
N GLN A 266 -43.46 -8.88 7.84
CA GLN A 266 -44.15 -7.93 7.00
CA GLN A 266 -44.20 -7.90 7.07
C GLN A 266 -43.22 -6.78 6.70
N VAL A 267 -42.87 -6.65 5.42
CA VAL A 267 -42.04 -5.55 5.00
C VAL A 267 -42.90 -4.29 5.11
N LEU A 268 -42.43 -3.28 5.86
CA LEU A 268 -43.12 -1.98 6.00
C LEU A 268 -42.69 -0.95 4.96
N ASP A 269 -41.43 -1.03 4.53
CA ASP A 269 -40.87 -0.03 3.66
C ASP A 269 -39.56 -0.51 3.05
N VAL A 270 -39.39 -0.24 1.76
CA VAL A 270 -38.16 -0.45 1.01
C VAL A 270 -37.66 0.90 0.47
N GLN A 271 -36.45 1.34 0.83
CA GLN A 271 -35.87 2.58 0.28
C GLN A 271 -34.62 2.23 -0.52
N ARG A 272 -34.51 2.69 -1.76
CA ARG A 272 -33.28 2.57 -2.52
C ARG A 272 -32.49 3.84 -2.28
N TYR A 273 -31.42 3.80 -1.48
CA TYR A 273 -30.56 4.94 -1.41
C TYR A 273 -29.43 4.72 -2.40
N PRO A 274 -28.62 5.77 -2.69
CA PRO A 274 -27.54 5.54 -3.66
C PRO A 274 -26.60 4.37 -3.26
N LEU A 275 -26.29 4.23 -1.97
CA LEU A 275 -25.29 3.21 -1.60
C LEU A 275 -25.84 1.89 -0.98
N TYR A 276 -27.15 1.80 -0.79
CA TYR A 276 -27.76 0.62 -0.15
C TYR A 276 -29.27 0.65 -0.27
N THR A 277 -29.85 -0.54 -0.35
CA THR A 277 -31.28 -0.72 -0.21
C THR A 277 -31.59 -0.96 1.27
N GLN A 278 -32.54 -0.22 1.86
CA GLN A 278 -32.91 -0.46 3.23
C GLN A 278 -34.33 -1.03 3.29
N ILE A 279 -34.45 -2.19 3.95
CA ILE A 279 -35.72 -2.85 4.02
C ILE A 279 -36.15 -2.78 5.48
N THR A 280 -37.20 -2.03 5.75
CA THR A 280 -37.74 -1.92 7.09
C THR A 280 -38.81 -2.99 7.26
N VAL A 281 -38.68 -3.80 8.31
CA VAL A 281 -39.47 -5.01 8.37
C VAL A 281 -39.97 -5.23 9.79
N ASP A 282 -41.23 -5.67 9.90
CA ASP A 282 -41.82 -6.04 11.17
C ASP A 282 -41.62 -7.53 11.30
N ILE A 283 -40.76 -7.92 12.23
CA ILE A 283 -40.47 -9.36 12.47
C ILE A 283 -41.09 -9.85 13.77
N GLY A 284 -41.90 -9.01 14.41
CA GLY A 284 -42.77 -9.49 15.47
C GLY A 284 -41.97 -9.61 16.73
N THR A 285 -42.50 -10.37 17.67
CA THR A 285 -41.99 -10.57 19.01
C THR A 285 -42.09 -12.09 19.28
N PRO A 286 -41.48 -12.58 20.37
CA PRO A 286 -41.44 -14.03 20.60
C PRO A 286 -42.81 -14.69 20.57
N SER A 287 -42.89 -15.86 19.96
CA SER A 287 -44.12 -16.54 19.92
C SER A 287 -44.03 -17.86 20.69
N SER B 15 -8.80 -11.65 30.49
CA SER B 15 -7.64 -10.70 30.40
C SER B 15 -6.68 -11.04 29.23
N LEU B 16 -5.96 -10.02 28.74
CA LEU B 16 -5.52 -9.96 27.34
C LEU B 16 -4.62 -11.09 26.86
N PRO B 17 -4.83 -11.55 25.62
CA PRO B 17 -3.91 -12.54 25.03
C PRO B 17 -2.63 -11.89 24.50
N ALA B 18 -1.61 -12.69 24.26
CA ALA B 18 -0.39 -12.28 23.61
C ALA B 18 -0.68 -11.83 22.17
N CYS B 19 -0.06 -10.74 21.73
CA CYS B 19 -0.20 -10.31 20.35
C CYS B 19 0.33 -11.44 19.46
N PRO B 20 -0.15 -11.55 18.21
CA PRO B 20 0.48 -12.56 17.38
C PRO B 20 1.96 -12.24 17.30
N GLU B 21 2.77 -13.23 16.97
CA GLU B 21 4.21 -13.11 16.93
C GLU B 21 4.71 -12.11 15.94
N GLU B 22 4.14 -12.10 14.75
CA GLU B 22 4.45 -11.03 13.84
C GLU B 22 3.15 -10.25 13.70
N SER B 23 3.25 -8.94 13.64
CA SER B 23 2.06 -8.13 13.62
C SER B 23 1.29 -8.39 12.33
N PRO B 24 -0.04 -8.52 12.43
CA PRO B 24 -0.86 -8.62 11.24
C PRO B 24 -1.22 -7.31 10.62
N LEU B 25 -0.86 -6.18 11.24
CA LEU B 25 -1.27 -4.88 10.72
C LEU B 25 -0.34 -4.24 9.68
N LEU B 26 0.79 -4.88 9.38
CA LEU B 26 1.90 -4.29 8.60
C LEU B 26 1.53 -4.15 7.13
N VAL B 27 1.99 -3.04 6.52
CA VAL B 27 1.70 -2.71 5.13
C VAL B 27 2.92 -2.76 4.24
N GLY B 28 4.10 -2.96 4.84
CA GLY B 28 5.35 -3.08 4.09
C GLY B 28 5.90 -1.73 3.63
N PRO B 29 6.16 -1.59 2.32
CA PRO B 29 6.80 -0.37 1.79
C PRO B 29 5.95 0.90 1.86
N MET B 30 6.53 2.01 2.28
CA MET B 30 5.77 3.24 2.54
C MET B 30 6.42 4.36 1.77
N LEU B 31 5.64 5.42 1.56
CA LEU B 31 6.13 6.57 0.85
C LEU B 31 6.62 7.57 1.89
N ILE B 32 7.86 8.04 1.75
CA ILE B 32 8.50 8.88 2.78
C ILE B 32 8.95 10.20 2.13
N GLU B 33 8.47 11.35 2.61
CA GLU B 33 8.84 12.64 2.05
CA GLU B 33 8.91 12.63 2.05
C GLU B 33 9.19 13.67 3.15
N PHE B 34 10.16 14.56 2.86
CA PHE B 34 10.59 15.59 3.79
C PHE B 34 10.42 17.07 3.32
N ASN B 35 9.44 17.31 2.47
CA ASN B 35 9.25 18.65 1.89
C ASN B 35 7.98 19.40 2.33
N MET B 36 7.26 18.88 3.31
CA MET B 36 6.07 19.53 3.79
C MET B 36 6.32 19.94 5.22
N PRO B 37 5.63 20.97 5.69
CA PRO B 37 5.79 21.28 7.12
C PRO B 37 5.01 20.25 7.91
N VAL B 38 5.35 20.08 9.18
CA VAL B 38 4.71 19.10 10.04
C VAL B 38 4.23 19.87 11.24
N ASP B 39 3.04 19.53 11.68
CA ASP B 39 2.44 20.18 12.81
C ASP B 39 2.19 19.06 13.87
N LEU B 40 2.94 19.11 14.96
CA LEU B 40 2.90 18.08 16.00
C LEU B 40 1.56 17.94 16.71
N GLU B 41 0.78 19.02 16.76
CA GLU B 41 -0.62 18.94 17.23
C GLU B 41 -1.51 18.08 16.33
N LEU B 42 -1.29 18.18 15.02
CA LEU B 42 -1.96 17.34 14.02
C LEU B 42 -1.47 15.88 14.14
N VAL B 43 -0.15 15.73 14.27
CA VAL B 43 0.41 14.40 14.45
C VAL B 43 -0.24 13.69 15.63
N ALA B 44 -0.40 14.39 16.75
CA ALA B 44 -0.98 13.80 17.94
C ALA B 44 -2.45 13.45 17.67
N LYS B 45 -3.15 14.35 16.97
CA LYS B 45 -4.53 14.02 16.59
C LYS B 45 -4.64 12.82 15.65
N GLN B 46 -3.67 12.63 14.77
CA GLN B 46 -3.63 11.43 13.95
C GLN B 46 -3.18 10.20 14.71
N ASN B 47 -2.65 10.38 15.92
CA ASN B 47 -2.23 9.27 16.77
C ASN B 47 -2.86 9.32 18.13
N PRO B 48 -4.20 9.16 18.14
CA PRO B 48 -4.94 9.44 19.34
C PRO B 48 -4.54 8.50 20.45
N ASN B 49 -4.10 7.28 20.12
CA ASN B 49 -3.83 6.29 21.21
C ASN B 49 -2.47 6.44 21.87
N VAL B 50 -1.63 7.30 21.32
CA VAL B 50 -0.36 7.59 21.99
C VAL B 50 -0.59 8.49 23.18
N LYS B 51 -0.12 8.07 24.36
CA LYS B 51 -0.32 8.80 25.58
C LYS B 51 0.84 9.71 25.95
N MET B 52 0.60 10.59 26.93
CA MET B 52 1.56 11.63 27.37
C MET B 52 2.94 11.04 27.61
N GLY B 53 3.97 11.75 27.12
CA GLY B 53 5.34 11.23 27.11
C GLY B 53 5.69 10.36 25.91
N GLY B 54 4.77 10.24 24.95
CA GLY B 54 4.95 9.38 23.79
C GLY B 54 4.96 7.90 24.13
N ARG B 55 3.96 7.42 24.85
CA ARG B 55 3.93 6.06 25.36
C ARG B 55 2.75 5.40 24.71
N TYR B 56 2.89 4.12 24.38
CA TYR B 56 1.80 3.44 23.70
C TYR B 56 1.92 1.96 23.94
N ALA B 57 0.79 1.25 24.06
CA ALA B 57 0.84 -0.22 24.08
C ALA B 57 -0.52 -0.66 23.57
N PRO B 58 -0.57 -1.79 22.84
CA PRO B 58 -1.81 -2.22 22.20
C PRO B 58 -2.91 -2.46 23.24
N ARG B 59 -4.12 -2.08 22.86
CA ARG B 59 -5.32 -2.20 23.67
C ARG B 59 -5.84 -3.65 23.62
N ASP B 60 -5.70 -4.31 22.49
CA ASP B 60 -6.25 -5.66 22.35
C ASP B 60 -5.39 -6.89 22.69
N CYS B 61 -4.11 -6.72 22.99
CA CYS B 61 -3.21 -7.83 23.19
C CYS B 61 -1.94 -7.34 23.86
N VAL B 62 -1.18 -8.30 24.41
CA VAL B 62 -0.03 -7.96 25.22
C VAL B 62 1.21 -8.13 24.34
N SER B 63 2.03 -7.09 24.24
CA SER B 63 3.31 -7.20 23.53
C SER B 63 4.45 -7.76 24.43
N PRO B 64 5.25 -8.69 23.87
CA PRO B 64 6.50 -9.06 24.59
C PRO B 64 7.64 -8.05 24.36
N HIS B 65 7.41 -7.07 23.48
CA HIS B 65 8.42 -6.06 23.23
C HIS B 65 8.18 -4.80 24.04
N LYS B 66 9.00 -4.60 25.06
CA LYS B 66 8.94 -3.42 25.90
C LYS B 66 10.13 -2.51 25.60
N VAL B 67 9.85 -1.52 24.73
CA VAL B 67 10.90 -0.92 23.94
C VAL B 67 11.06 0.53 24.29
N ALA B 68 12.24 0.98 24.71
CA ALA B 68 12.51 2.43 24.85
C ALA B 68 13.23 2.86 23.61
N ILE B 69 12.65 3.83 22.88
CA ILE B 69 13.33 4.37 21.73
C ILE B 69 14.06 5.67 22.09
N ILE B 70 15.38 5.64 21.96
CA ILE B 70 16.25 6.66 22.49
C ILE B 70 16.86 7.44 21.31
N ILE B 71 16.73 8.76 21.33
CA ILE B 71 17.16 9.58 20.22
C ILE B 71 18.15 10.62 20.75
N PRO B 72 19.39 10.62 20.26
CA PRO B 72 20.33 11.62 20.77
C PRO B 72 20.03 12.92 20.09
N PHE B 73 20.18 14.04 20.81
CA PHE B 73 19.59 15.29 20.26
C PHE B 73 20.23 16.58 20.67
N ARG B 74 20.35 17.48 19.70
CA ARG B 74 20.49 18.92 19.96
C ARG B 74 20.20 19.71 18.71
N ASN B 75 19.32 20.70 18.83
CA ASN B 75 19.02 21.63 17.73
C ASN B 75 18.60 20.91 16.45
N ARG B 76 17.66 19.98 16.59
CA ARG B 76 17.18 19.25 15.42
C ARG B 76 15.65 19.13 15.45
N GLN B 77 15.00 20.22 15.84
CA GLN B 77 13.57 20.16 16.08
C GLN B 77 12.84 19.77 14.79
N GLU B 78 13.29 20.29 13.66
CA GLU B 78 12.56 20.04 12.42
C GLU B 78 12.65 18.56 12.03
N HIS B 79 13.82 17.97 12.24
CA HIS B 79 13.96 16.55 11.99
C HIS B 79 13.09 15.74 12.92
N LEU B 80 13.05 16.12 14.19
CA LEU B 80 12.33 15.31 15.14
C LEU B 80 10.85 15.33 14.72
N LYS B 81 10.38 16.44 14.17
CA LYS B 81 8.95 16.47 13.86
C LYS B 81 8.69 15.46 12.73
N TYR B 82 9.60 15.36 11.78
CA TYR B 82 9.46 14.33 10.75
C TYR B 82 9.55 12.91 11.36
N TRP B 83 10.49 12.74 12.29
CA TRP B 83 10.68 11.43 12.87
C TRP B 83 9.36 10.95 13.56
N LEU B 84 8.77 11.80 14.38
CA LEU B 84 7.58 11.45 15.14
C LEU B 84 6.40 11.18 14.21
N TYR B 85 6.22 12.04 13.20
CA TYR B 85 5.20 11.87 12.18
C TYR B 85 5.23 10.50 11.50
N TYR B 86 6.43 10.07 11.11
CA TYR B 86 6.62 8.80 10.47
C TYR B 86 6.63 7.63 11.44
N LEU B 87 7.39 7.71 12.53
CA LEU B 87 7.65 6.52 13.30
C LEU B 87 6.40 6.14 14.13
N HIS B 88 5.66 7.13 14.63
CA HIS B 88 4.61 6.73 15.55
C HIS B 88 3.58 5.77 14.93
N PRO B 89 3.13 6.04 13.68
CA PRO B 89 2.14 5.09 13.14
C PRO B 89 2.77 3.73 12.94
N VAL B 90 4.05 3.73 12.64
CA VAL B 90 4.78 2.49 12.37
C VAL B 90 4.96 1.69 13.65
N LEU B 91 5.35 2.35 14.74
CA LEU B 91 5.59 1.60 15.98
C LEU B 91 4.28 0.98 16.51
N GLN B 92 3.18 1.71 16.33
CA GLN B 92 1.86 1.18 16.65
C GLN B 92 1.46 -0.02 15.78
N ARG B 93 1.67 0.08 14.45
CA ARG B 93 1.40 -1.08 13.58
C ARG B 93 2.23 -2.29 13.99
N GLN B 94 3.43 -2.07 14.55
CA GLN B 94 4.27 -3.20 15.00
C GLN B 94 3.86 -3.78 16.35
N GLN B 95 2.81 -3.21 16.97
CA GLN B 95 2.27 -3.77 18.22
C GLN B 95 3.25 -3.82 19.36
N LEU B 96 4.02 -2.75 19.51
CA LEU B 96 5.05 -2.63 20.52
C LEU B 96 4.50 -1.87 21.73
N ASP B 97 5.05 -2.20 22.88
CA ASP B 97 4.80 -1.48 24.12
C ASP B 97 6.04 -0.60 24.25
N TYR B 98 5.87 0.66 23.82
CA TYR B 98 7.02 1.53 23.64
C TYR B 98 6.88 2.91 24.29
N GLY B 99 8.04 3.54 24.48
CA GLY B 99 8.16 4.97 24.76
C GLY B 99 9.25 5.66 23.96
N ILE B 100 8.99 6.92 23.61
CA ILE B 100 9.97 7.72 22.94
C ILE B 100 10.72 8.65 23.91
N TYR B 101 12.05 8.61 23.85
CA TYR B 101 12.90 9.47 24.67
C TYR B 101 13.92 10.23 23.83
N VAL B 102 13.79 11.55 23.82
CA VAL B 102 14.73 12.48 23.20
C VAL B 102 15.69 12.97 24.27
N ILE B 103 16.98 12.66 24.08
CA ILE B 103 18.02 13.00 25.01
C ILE B 103 18.71 14.22 24.46
N ASN B 104 18.31 15.40 24.95
CA ASN B 104 18.74 16.70 24.46
C ASN B 104 20.01 17.13 25.20
N GLN B 105 21.08 17.32 24.45
CA GLN B 105 22.31 17.76 25.07
C GLN B 105 22.27 19.27 25.39
N ALA B 106 22.44 19.60 26.66
CA ALA B 106 22.42 21.00 27.09
C ALA B 106 23.73 21.68 26.68
N GLY B 107 23.68 22.99 26.51
CA GLY B 107 24.91 23.78 26.35
C GLY B 107 25.36 23.84 24.90
N ASP B 108 26.57 24.35 24.70
CA ASP B 108 27.06 24.70 23.37
C ASP B 108 28.45 24.12 23.03
N THR B 109 28.88 23.14 23.79
CA THR B 109 30.19 22.55 23.52
C THR B 109 29.97 21.27 22.69
N ILE B 110 31.05 20.58 22.38
CA ILE B 110 31.05 19.54 21.36
C ILE B 110 30.07 18.42 21.73
N PHE B 111 29.33 17.99 20.73
CA PHE B 111 28.38 16.86 20.82
C PHE B 111 29.01 15.52 21.23
N ASN B 112 28.26 14.78 22.03
CA ASN B 112 28.66 13.42 22.34
C ASN B 112 27.52 12.44 22.13
N ARG B 113 27.36 11.92 20.92
CA ARG B 113 26.26 11.01 20.64
C ARG B 113 26.08 9.80 21.53
N ALA B 114 27.16 9.05 21.74
CA ALA B 114 27.08 7.77 22.46
C ALA B 114 26.79 8.02 23.96
N LYS B 115 27.39 9.05 24.54
CA LYS B 115 27.06 9.36 25.96
C LYS B 115 25.58 9.72 26.12
N LEU B 116 25.02 10.42 25.12
CA LEU B 116 23.60 10.76 25.24
C LEU B 116 22.77 9.47 25.16
N LEU B 117 23.18 8.52 24.30
CA LEU B 117 22.46 7.22 24.26
C LEU B 117 22.50 6.54 25.64
N ASN B 118 23.64 6.57 26.33
CA ASN B 118 23.78 5.93 27.67
C ASN B 118 22.80 6.58 28.67
N VAL B 119 22.75 7.90 28.68
CA VAL B 119 21.78 8.60 29.49
C VAL B 119 20.37 8.10 29.22
N GLY B 120 19.99 8.00 27.95
CA GLY B 120 18.68 7.50 27.58
C GLY B 120 18.41 6.14 28.14
N PHE B 121 19.39 5.24 28.04
CA PHE B 121 19.20 3.91 28.60
C PHE B 121 18.88 4.02 30.09
N GLN B 122 19.77 4.68 30.84
CA GLN B 122 19.62 4.74 32.31
C GLN B 122 18.35 5.51 32.77
N GLU B 123 18.02 6.60 32.09
CA GLU B 123 16.84 7.41 32.43
C GLU B 123 15.51 6.72 32.09
N ALA B 124 15.41 6.10 30.90
CA ALA B 124 14.18 5.42 30.49
C ALA B 124 13.81 4.35 31.48
N LEU B 125 14.80 3.63 31.95
CA LEU B 125 14.54 2.59 32.95
C LEU B 125 13.90 3.10 34.26
N LYS B 126 14.05 4.37 34.59
CA LYS B 126 13.35 4.97 35.77
C LYS B 126 11.83 5.09 35.59
N ASP B 127 11.34 5.05 34.35
CA ASP B 127 9.91 5.15 34.07
C ASP B 127 9.21 3.81 34.04
N TYR B 128 9.88 2.77 33.52
CA TYR B 128 9.18 1.54 33.16
C TYR B 128 10.22 0.44 32.99
N ASP B 129 9.81 -0.82 33.13
CA ASP B 129 10.78 -1.90 33.01
CA ASP B 129 10.81 -1.89 32.97
C ASP B 129 10.96 -2.31 31.51
N TYR B 130 11.50 -1.38 30.72
CA TYR B 130 11.85 -1.67 29.33
C TYR B 130 12.84 -2.84 29.30
N THR B 131 12.70 -3.78 28.36
CA THR B 131 13.72 -4.83 28.24
C THR B 131 14.42 -4.76 26.87
N CYS B 132 14.11 -3.71 26.10
CA CYS B 132 14.66 -3.56 24.75
C CYS B 132 14.89 -2.07 24.52
N PHE B 133 16.04 -1.73 23.95
CA PHE B 133 16.37 -0.33 23.65
C PHE B 133 16.74 -0.16 22.20
N VAL B 134 15.99 0.69 21.51
CA VAL B 134 16.30 1.10 20.18
C VAL B 134 17.03 2.46 20.26
N PHE B 135 18.20 2.56 19.64
CA PHE B 135 18.90 3.82 19.59
C PHE B 135 18.78 4.31 18.14
N SER B 136 18.13 5.45 17.90
CA SER B 136 17.89 5.90 16.56
C SER B 136 18.34 7.35 16.41
N ASP B 137 19.16 7.62 15.41
CA ASP B 137 19.44 8.98 15.10
C ASP B 137 18.10 9.64 14.76
N VAL B 138 18.03 10.95 14.88
CA VAL B 138 16.78 11.68 14.70
C VAL B 138 16.44 11.83 13.21
N ASP B 139 17.39 11.57 12.33
CA ASP B 139 17.13 11.87 10.92
C ASP B 139 17.04 10.65 10.01
N LEU B 140 16.75 9.51 10.63
CA LEU B 140 16.62 8.25 9.89
C LEU B 140 15.17 7.77 10.01
N ILE B 141 14.52 7.53 8.88
CA ILE B 141 13.14 7.07 8.84
C ILE B 141 13.07 5.75 8.07
N PRO B 142 12.50 4.70 8.68
CA PRO B 142 12.41 3.45 7.88
C PRO B 142 11.37 3.50 6.73
N MET B 143 11.68 2.83 5.62
CA MET B 143 10.78 2.86 4.43
C MET B 143 9.80 1.70 4.41
N ASN B 144 10.01 0.71 5.26
CA ASN B 144 9.22 -0.52 5.19
C ASN B 144 8.96 -0.98 6.62
N ASP B 145 7.70 -1.11 7.01
CA ASP B 145 7.35 -1.36 8.41
C ASP B 145 7.53 -2.81 8.79
N HIS B 146 8.00 -3.66 7.87
CA HIS B 146 8.49 -4.99 8.26
C HIS B 146 9.86 -4.92 8.92
N ASN B 147 10.45 -3.74 8.93
CA ASN B 147 11.76 -3.56 9.61
C ASN B 147 11.49 -3.35 11.11
N ALA B 148 11.66 -4.38 11.93
CA ALA B 148 11.08 -4.32 13.28
C ALA B 148 11.90 -3.49 14.24
N TYR B 149 11.27 -2.54 14.94
CA TYR B 149 11.99 -1.66 15.89
C TYR B 149 11.92 -2.34 17.27
N ARG B 150 12.57 -3.50 17.36
CA ARG B 150 12.65 -4.22 18.62
C ARG B 150 13.86 -5.17 18.59
N CYS B 151 14.02 -5.97 19.65
CA CYS B 151 15.27 -6.62 19.94
C CYS B 151 15.19 -8.06 19.49
N PHE B 152 16.34 -8.63 19.16
CA PHE B 152 16.47 -10.01 18.69
C PHE B 152 17.45 -10.76 19.59
N SER B 153 17.71 -12.02 19.25
CA SER B 153 18.51 -12.82 20.17
C SER B 153 19.97 -12.36 20.03
N GLN B 154 20.31 -11.70 18.92
CA GLN B 154 21.60 -11.02 18.82
C GLN B 154 21.32 -9.52 18.65
N PRO B 155 22.30 -8.65 18.93
CA PRO B 155 22.08 -7.22 18.73
C PRO B 155 21.66 -6.95 17.29
N ARG B 156 20.71 -6.02 17.07
CA ARG B 156 20.07 -5.86 15.76
C ARG B 156 20.54 -4.54 15.13
N HIS B 157 21.03 -4.60 13.92
CA HIS B 157 21.31 -3.40 13.18
C HIS B 157 20.12 -3.11 12.27
N ILE B 158 19.51 -1.93 12.39
CA ILE B 158 18.16 -1.70 11.81
C ILE B 158 18.27 -0.93 10.51
N SER B 159 19.13 0.10 10.46
CA SER B 159 19.12 1.03 9.32
C SER B 159 20.14 0.48 8.32
N VAL B 160 19.80 -0.65 7.72
CA VAL B 160 20.83 -1.41 7.03
C VAL B 160 20.96 -0.93 5.59
N ALA B 161 19.96 -0.25 5.02
CA ALA B 161 20.15 0.21 3.62
C ALA B 161 19.68 1.63 3.47
N MET B 162 20.53 2.58 3.85
CA MET B 162 20.20 4.00 3.81
C MET B 162 20.37 4.56 2.41
N ASP B 163 19.42 5.40 1.99
CA ASP B 163 19.56 6.03 0.68
C ASP B 163 20.93 6.68 0.62
N LYS B 164 21.42 7.22 1.72
CA LYS B 164 22.63 8.05 1.60
C LYS B 164 23.87 7.21 1.39
N PHE B 165 23.71 5.89 1.50
CA PHE B 165 24.78 4.97 1.25
C PHE B 165 24.50 4.08 0.03
N GLY B 166 23.66 4.54 -0.87
CA GLY B 166 23.32 3.76 -2.09
C GLY B 166 22.42 2.58 -1.82
N PHE B 167 21.63 2.68 -0.74
CA PHE B 167 20.70 1.59 -0.37
C PHE B 167 21.41 0.28 -0.02
N SER B 168 22.64 0.39 0.47
CA SER B 168 23.29 -0.78 1.09
C SER B 168 24.12 -0.37 2.31
N LEU B 169 24.80 -1.32 2.91
CA LEU B 169 25.74 -1.04 3.96
C LEU B 169 26.99 -0.36 3.41
N PRO B 170 27.44 0.71 4.08
CA PRO B 170 28.70 1.29 3.62
C PRO B 170 29.89 0.36 3.86
N TYR B 171 29.85 -0.48 4.89
CA TYR B 171 30.89 -1.51 5.11
C TYR B 171 30.20 -2.55 5.98
N VAL B 172 30.64 -3.81 5.96
CA VAL B 172 29.90 -4.87 6.62
C VAL B 172 29.92 -4.78 8.14
N GLN B 173 30.86 -4.04 8.74
CA GLN B 173 30.81 -3.84 10.22
C GLN B 173 30.12 -2.56 10.68
N TYR B 174 29.51 -1.86 9.74
CA TYR B 174 28.79 -0.62 10.03
C TYR B 174 27.69 -0.88 11.04
N PHE B 175 27.71 -0.19 12.17
CA PHE B 175 26.65 -0.41 13.15
C PHE B 175 25.98 0.92 13.50
N GLY B 176 26.07 1.92 12.63
CA GLY B 176 25.50 3.22 12.99
C GLY B 176 24.03 3.39 12.57
N GLY B 177 23.46 4.55 12.91
CA GLY B 177 22.17 4.99 12.41
C GLY B 177 21.08 4.54 13.36
N VAL B 178 20.56 3.32 13.15
CA VAL B 178 19.51 2.78 13.99
C VAL B 178 19.87 1.37 14.38
N SER B 179 19.80 1.10 15.69
CA SER B 179 20.09 -0.23 16.18
C SER B 179 19.26 -0.59 17.42
N ALA B 180 19.12 -1.88 17.74
CA ALA B 180 18.43 -2.25 18.97
C ALA B 180 19.24 -3.23 19.82
N LEU B 181 19.35 -3.00 21.13
CA LEU B 181 19.97 -3.99 21.97
C LEU B 181 19.02 -4.35 23.12
N SER B 182 18.90 -5.65 23.47
CA SER B 182 18.11 -6.04 24.63
C SER B 182 18.82 -5.42 25.83
N LYS B 183 18.11 -5.32 26.94
CA LYS B 183 18.74 -4.88 28.18
C LYS B 183 20.01 -5.67 28.44
N GLN B 184 19.93 -7.00 28.36
CA GLN B 184 21.07 -7.84 28.69
C GLN B 184 22.28 -7.63 27.74
N GLN B 185 22.02 -7.57 26.44
CA GLN B 185 23.04 -7.13 25.50
C GLN B 185 23.74 -5.85 25.88
N PHE B 186 22.99 -4.83 26.27
CA PHE B 186 23.61 -3.54 26.56
C PHE B 186 24.45 -3.69 27.87
N LEU B 187 23.90 -4.36 28.87
CA LEU B 187 24.63 -4.52 30.13
C LEU B 187 25.93 -5.32 29.93
N THR B 188 25.87 -6.36 29.09
CA THR B 188 27.02 -7.24 28.88
C THR B 188 28.22 -6.48 28.32
N ILE B 189 28.01 -5.41 27.54
CA ILE B 189 29.13 -4.66 26.99
C ILE B 189 29.44 -3.43 27.81
N ASN B 190 28.94 -3.38 29.05
CA ASN B 190 29.11 -2.17 29.86
C ASN B 190 28.61 -0.91 29.12
N GLY B 191 27.53 -1.06 28.33
CA GLY B 191 26.89 0.10 27.67
C GLY B 191 27.86 0.68 26.65
N PHE B 192 27.74 1.97 26.34
CA PHE B 192 28.46 2.55 25.22
C PHE B 192 29.59 3.42 25.76
N PRO B 193 30.60 3.69 24.93
CA PRO B 193 31.66 4.52 25.49
C PRO B 193 31.19 6.00 25.73
N ASN B 194 31.80 6.63 26.73
CA ASN B 194 31.58 8.05 27.12
C ASN B 194 32.52 9.10 26.55
N ASN B 195 33.65 8.69 25.97
CA ASN B 195 34.66 9.66 25.57
C ASN B 195 34.86 9.79 24.07
N TYR B 196 33.82 9.52 23.30
CA TYR B 196 33.89 9.93 21.88
C TYR B 196 33.20 11.28 21.72
N TRP B 197 34.00 12.34 21.57
CA TRP B 197 33.46 13.69 21.47
C TRP B 197 33.57 14.13 20.03
N GLY B 198 32.52 14.70 19.46
CA GLY B 198 32.57 15.02 18.04
C GLY B 198 32.22 13.81 17.18
N TRP B 199 32.21 13.98 15.86
CA TRP B 199 31.66 12.99 14.93
C TRP B 199 32.61 11.83 14.67
N GLY B 200 32.10 10.60 14.61
CA GLY B 200 32.85 9.47 14.07
C GLY B 200 33.34 8.45 15.08
N GLY B 201 33.21 7.17 14.71
CA GLY B 201 33.79 6.01 15.43
C GLY B 201 33.07 5.44 16.63
N GLU B 202 32.12 6.16 17.26
CA GLU B 202 31.58 5.63 18.53
C GLU B 202 30.77 4.39 18.19
N ASP B 203 30.23 4.40 16.98
CA ASP B 203 29.42 3.28 16.53
C ASP B 203 30.29 2.06 16.20
N ASP B 204 31.47 2.27 15.59
CA ASP B 204 32.46 1.18 15.46
C ASP B 204 32.91 0.62 16.84
N ASP B 205 33.02 1.51 17.81
CA ASP B 205 33.49 1.08 19.15
C ASP B 205 32.42 0.16 19.68
N ILE B 206 31.15 0.49 19.42
CA ILE B 206 30.02 -0.27 19.96
C ILE B 206 30.01 -1.63 19.31
N PHE B 207 30.16 -1.67 18.00
CA PHE B 207 30.32 -2.93 17.28
C PHE B 207 31.42 -3.76 17.90
N ASN B 208 32.58 -3.14 18.18
CA ASN B 208 33.74 -3.92 18.67
C ASN B 208 33.36 -4.47 20.06
N ARG B 209 32.67 -3.68 20.87
CA ARG B 209 32.29 -4.16 22.21
C ARG B 209 31.40 -5.40 22.05
N LEU B 210 30.46 -5.37 21.11
CA LEU B 210 29.56 -6.53 20.96
C LEU B 210 30.34 -7.77 20.52
N VAL B 211 31.23 -7.60 19.56
CA VAL B 211 32.00 -8.71 19.09
C VAL B 211 32.93 -9.29 20.12
N PHE B 212 33.55 -8.42 20.90
CA PHE B 212 34.36 -8.87 22.02
C PHE B 212 33.63 -9.64 23.10
N ARG B 213 32.32 -9.44 23.19
CA ARG B 213 31.52 -10.20 24.12
C ARG B 213 30.82 -11.35 23.42
N GLY B 214 31.27 -11.76 22.23
CA GLY B 214 30.83 -13.03 21.66
C GLY B 214 29.53 -12.92 20.86
N MET B 215 29.11 -11.69 20.58
CA MET B 215 27.85 -11.49 19.90
C MET B 215 28.13 -11.31 18.42
N SER B 216 27.10 -11.43 17.61
CA SER B 216 27.24 -11.02 16.21
C SER B 216 26.05 -10.13 15.85
N ILE B 217 26.04 -9.56 14.65
CA ILE B 217 25.05 -8.57 14.27
C ILE B 217 23.92 -9.17 13.41
N SER B 218 22.67 -9.10 13.89
CA SER B 218 21.45 -9.54 13.15
C SER B 218 20.88 -8.36 12.35
N ARG B 219 20.50 -8.59 11.09
CA ARG B 219 20.01 -7.54 10.19
C ARG B 219 18.81 -8.03 9.38
N PRO B 220 17.80 -7.17 9.17
CA PRO B 220 16.83 -7.61 8.15
C PRO B 220 17.54 -7.56 6.80
N ASN B 221 16.87 -8.02 5.74
CA ASN B 221 17.47 -7.92 4.39
C ASN B 221 17.47 -6.47 3.91
N ALA B 222 18.10 -6.26 2.74
CA ALA B 222 18.32 -4.92 2.21
C ALA B 222 17.07 -4.25 1.72
N VAL B 223 16.05 -5.03 1.40
CA VAL B 223 14.80 -4.44 0.95
C VAL B 223 13.98 -3.99 2.16
N VAL B 224 13.83 -4.87 3.14
CA VAL B 224 13.08 -4.54 4.32
C VAL B 224 13.80 -3.35 5.06
N GLY B 225 15.14 -3.32 4.96
CA GLY B 225 15.95 -2.37 5.75
C GLY B 225 16.18 -1.03 5.13
N THR B 226 15.55 -0.79 3.99
CA THR B 226 15.70 0.50 3.34
CA THR B 226 15.66 0.50 3.31
C THR B 226 15.24 1.64 4.22
N THR B 227 16.08 2.67 4.28
CA THR B 227 15.93 3.76 5.22
C THR B 227 16.22 5.10 4.56
N ARG B 228 15.44 6.13 4.91
CA ARG B 228 15.68 7.47 4.38
C ARG B 228 16.40 8.31 5.40
N HIS B 229 17.41 9.04 4.93
CA HIS B 229 18.08 10.05 5.72
C HIS B 229 17.53 11.43 5.32
N ILE B 230 17.24 12.30 6.29
CA ILE B 230 16.82 13.66 5.95
C ILE B 230 18.03 14.50 5.61
N ARG B 231 18.21 14.87 4.33
CA ARG B 231 19.41 15.67 3.97
C ARG B 231 19.43 16.94 4.83
N HIS B 232 20.59 17.28 5.36
CA HIS B 232 20.78 18.52 6.11
C HIS B 232 22.24 18.93 5.94
N SER B 233 22.56 20.19 6.22
CA SER B 233 23.96 20.64 6.11
C SER B 233 24.63 20.33 7.42
N ARG B 234 25.93 20.59 7.51
CA ARG B 234 26.70 20.15 8.68
C ARG B 234 26.18 20.82 9.95
N ASP B 235 26.23 20.11 11.06
CA ASP B 235 25.93 20.73 12.34
C ASP B 235 27.18 21.45 12.77
N LYS B 236 27.07 22.45 13.65
CA LYS B 236 28.23 22.98 14.33
C LYS B 236 28.49 22.14 15.60
N LYS B 237 29.72 22.12 16.09
CA LYS B 237 30.05 21.45 17.33
C LYS B 237 29.91 19.93 17.28
N ASN B 238 30.04 19.37 16.07
CA ASN B 238 30.22 17.93 15.96
C ASN B 238 31.25 17.63 14.84
N GLU B 239 32.39 18.32 14.89
CA GLU B 239 33.45 18.13 13.90
C GLU B 239 34.00 16.72 14.03
N PRO B 240 34.39 16.09 12.90
CA PRO B 240 35.10 14.81 13.00
C PRO B 240 36.12 14.82 14.11
N ASN B 241 36.04 13.81 14.95
CA ASN B 241 36.93 13.63 16.06
C ASN B 241 38.27 13.04 15.58
N PRO B 242 39.38 13.82 15.68
CA PRO B 242 40.64 13.28 15.15
C PRO B 242 41.18 12.13 15.94
N GLN B 243 40.74 11.94 17.18
CA GLN B 243 41.26 10.81 17.97
C GLN B 243 40.49 9.51 17.75
N ARG B 244 39.52 9.50 16.85
CA ARG B 244 38.54 8.38 16.86
C ARG B 244 39.19 7.06 16.43
N PHE B 245 40.13 7.16 15.47
CA PHE B 245 40.90 6.00 14.97
C PHE B 245 41.72 5.36 16.07
N ASP B 246 42.40 6.12 16.93
CA ASP B 246 43.11 5.55 18.07
CA ASP B 246 43.10 5.52 18.05
C ASP B 246 42.12 4.98 19.07
N ARG B 247 41.00 5.66 19.27
CA ARG B 247 39.98 5.11 20.16
C ARG B 247 39.34 3.78 19.73
N ILE B 248 38.97 3.61 18.47
CA ILE B 248 38.29 2.32 18.11
C ILE B 248 39.27 1.12 18.16
N ALA B 249 40.57 1.39 18.02
CA ALA B 249 41.64 0.38 18.12
C ALA B 249 41.89 -0.03 19.56
N HIS B 250 41.35 0.68 20.55
CA HIS B 250 41.54 0.28 21.94
C HIS B 250 40.27 -0.14 22.68
N THR B 251 39.22 -0.40 21.93
CA THR B 251 37.96 -0.76 22.59
C THR B 251 38.06 -1.86 23.63
N LYS B 252 38.81 -2.92 23.31
CA LYS B 252 38.87 -4.07 24.19
C LYS B 252 39.38 -3.62 25.56
N GLU B 253 40.34 -2.71 25.53
CA GLU B 253 41.08 -2.26 26.71
C GLU B 253 40.23 -1.30 27.54
N THR B 254 39.40 -0.47 26.91
CA THR B 254 38.70 0.57 27.61
C THR B 254 37.27 0.20 28.00
N MET B 255 36.66 -0.73 27.29
CA MET B 255 35.25 -1.04 27.49
C MET B 255 34.93 -1.44 28.92
N LEU B 256 35.88 -2.05 29.62
CA LEU B 256 35.61 -2.53 30.98
C LEU B 256 35.46 -1.41 31.98
N SER B 257 36.18 -0.31 31.75
CA SER B 257 36.17 0.76 32.76
C SER B 257 35.56 2.06 32.20
N ASP B 258 35.19 2.07 30.92
CA ASP B 258 34.54 3.23 30.34
C ASP B 258 33.14 2.85 29.74
N GLY B 259 32.05 3.36 30.35
CA GLY B 259 30.73 3.03 29.86
C GLY B 259 29.69 3.30 30.92
N LEU B 260 28.70 2.40 31.00
CA LEU B 260 27.64 2.53 31.98
C LEU B 260 28.21 2.62 33.42
N ASN B 261 29.26 1.87 33.71
CA ASN B 261 29.85 1.92 35.03
C ASN B 261 30.60 3.22 35.31
N SER B 262 30.88 4.02 34.29
CA SER B 262 31.60 5.28 34.58
C SER B 262 30.74 6.47 34.18
N LEU B 263 29.46 6.21 33.89
CA LEU B 263 28.57 7.25 33.40
C LEU B 263 28.28 8.36 34.44
N THR B 264 28.56 9.61 34.11
CA THR B 264 28.10 10.73 34.95
C THR B 264 27.55 11.86 34.11
N TYR B 265 26.56 12.53 34.67
CA TYR B 265 25.87 13.61 33.97
C TYR B 265 24.92 14.32 34.93
N GLN B 266 24.34 15.42 34.49
CA GLN B 266 23.38 16.15 35.31
C GLN B 266 22.13 16.47 34.46
N VAL B 267 21.00 15.88 34.80
CA VAL B 267 19.72 16.22 34.19
C VAL B 267 19.32 17.66 34.57
N LEU B 268 19.10 18.51 33.58
CA LEU B 268 18.59 19.86 33.86
C LEU B 268 17.07 19.89 33.86
N ASP B 269 16.42 18.97 33.14
CA ASP B 269 14.97 19.06 33.02
C ASP B 269 14.41 17.81 32.37
N VAL B 270 13.18 17.47 32.70
CA VAL B 270 12.47 16.39 32.05
C VAL B 270 11.15 16.96 31.64
N GLN B 271 10.78 16.82 30.37
CA GLN B 271 9.52 17.39 29.90
C GLN B 271 8.74 16.32 29.15
N ARG B 272 7.50 16.09 29.58
CA ARG B 272 6.64 15.11 28.92
C ARG B 272 5.84 15.89 27.88
N TYR B 273 5.89 15.48 26.63
CA TYR B 273 5.08 16.14 25.65
C TYR B 273 4.11 15.08 25.14
N PRO B 274 3.11 15.49 24.35
CA PRO B 274 2.19 14.42 23.94
C PRO B 274 2.92 13.22 23.24
N LEU B 275 3.92 13.52 22.42
CA LEU B 275 4.48 12.50 21.56
C LEU B 275 5.88 12.01 21.97
N TYR B 276 6.43 12.55 23.07
CA TYR B 276 7.78 12.16 23.48
C TYR B 276 8.11 12.69 24.84
N THR B 277 9.09 12.08 25.50
CA THR B 277 9.73 12.65 26.67
C THR B 277 11.07 13.23 26.26
N GLN B 278 11.30 14.50 26.57
CA GLN B 278 12.61 15.11 26.34
C GLN B 278 13.36 15.27 27.67
N ILE B 279 14.56 14.71 27.76
CA ILE B 279 15.41 14.83 28.93
C ILE B 279 16.57 15.70 28.48
N THR B 280 16.74 16.88 29.09
CA THR B 280 17.84 17.76 28.69
C THR B 280 18.91 17.53 29.72
N VAL B 281 20.11 17.27 29.24
CA VAL B 281 21.12 16.77 30.18
C VAL B 281 22.46 17.45 29.96
N ASP B 282 23.14 17.77 31.06
CA ASP B 282 24.51 18.28 30.94
C ASP B 282 25.48 17.08 30.95
N ILE B 283 26.07 16.74 29.79
CA ILE B 283 26.99 15.60 29.77
C ILE B 283 28.47 15.96 29.89
N GLY B 284 28.80 17.23 30.17
CA GLY B 284 30.18 17.68 30.35
C GLY B 284 30.94 17.97 29.07
N THR B 285 32.27 18.09 29.20
CA THR B 285 33.12 18.44 28.06
C THR B 285 34.33 17.49 28.00
N PRO B 286 35.03 17.46 26.87
CA PRO B 286 36.27 16.69 26.79
C PRO B 286 37.20 17.14 27.91
N SER B 287 38.01 16.22 28.40
CA SER B 287 39.23 16.64 29.14
C SER B 287 40.22 17.41 28.27
N SER C 15 32.22 9.03 -6.14
CA SER C 15 30.96 9.23 -6.93
C SER C 15 29.96 8.05 -6.72
N LEU C 16 28.81 8.13 -7.37
CA LEU C 16 27.65 7.34 -6.94
C LEU C 16 27.82 5.85 -7.25
N PRO C 17 27.40 4.98 -6.31
CA PRO C 17 27.27 3.56 -6.65
C PRO C 17 26.06 3.28 -7.53
N ALA C 18 26.12 2.13 -8.18
CA ALA C 18 25.03 1.58 -8.94
C ALA C 18 23.83 1.42 -8.00
N CYS C 19 22.64 1.76 -8.50
CA CYS C 19 21.38 1.44 -7.84
C CYS C 19 21.29 -0.09 -7.70
N PRO C 20 20.51 -0.60 -6.72
CA PRO C 20 20.23 -2.03 -6.71
C PRO C 20 19.62 -2.49 -8.03
N GLU C 21 19.85 -3.74 -8.37
CA GLU C 21 19.43 -4.27 -9.66
C GLU C 21 17.93 -4.08 -9.80
N GLU C 22 17.19 -4.40 -8.74
CA GLU C 22 15.79 -4.04 -8.72
CA GLU C 22 15.77 -4.10 -8.68
CA GLU C 22 15.77 -4.08 -8.66
C GLU C 22 15.57 -3.05 -7.58
N SER C 23 14.71 -2.09 -7.81
CA SER C 23 14.46 -1.05 -6.82
C SER C 23 13.87 -1.55 -5.51
N PRO C 24 14.37 -1.05 -4.36
CA PRO C 24 13.86 -1.48 -3.07
C PRO C 24 12.66 -0.64 -2.61
N LEU C 25 12.25 0.30 -3.46
CA LEU C 25 11.23 1.31 -3.12
C LEU C 25 9.83 0.96 -3.63
N LEU C 26 9.69 -0.11 -4.42
CA LEU C 26 8.43 -0.51 -5.05
C LEU C 26 7.36 -0.85 -4.02
N VAL C 27 6.12 -0.44 -4.29
CA VAL C 27 5.01 -0.77 -3.40
C VAL C 27 4.06 -1.78 -4.03
N GLY C 28 4.28 -2.19 -5.28
CA GLY C 28 3.36 -3.10 -5.97
C GLY C 28 2.03 -2.44 -6.37
N PRO C 29 0.89 -3.14 -6.15
CA PRO C 29 -0.43 -2.68 -6.65
C PRO C 29 -0.87 -1.37 -6.07
N MET C 30 -1.52 -0.55 -6.89
CA MET C 30 -1.89 0.83 -6.50
C MET C 30 -3.36 1.10 -6.82
N LEU C 31 -3.90 2.16 -6.19
CA LEU C 31 -5.26 2.62 -6.44
C LEU C 31 -5.24 3.68 -7.55
N ILE C 32 -5.95 3.39 -8.62
CA ILE C 32 -5.97 4.25 -9.79
C ILE C 32 -7.39 4.78 -10.02
N GLU C 33 -7.59 6.09 -9.94
CA GLU C 33 -8.91 6.65 -10.26
CA GLU C 33 -8.90 6.72 -10.19
C GLU C 33 -8.81 7.83 -11.24
N PHE C 34 -9.83 7.96 -12.10
CA PHE C 34 -9.90 9.02 -13.12
C PHE C 34 -11.09 9.99 -12.97
N ASN C 35 -11.66 10.11 -11.79
CA ASN C 35 -12.87 10.93 -11.64
C ASN C 35 -12.62 12.26 -10.94
N MET C 36 -11.39 12.77 -11.01
CA MET C 36 -11.10 13.97 -10.24
C MET C 36 -10.30 14.99 -11.02
N PRO C 37 -10.33 16.25 -10.57
CA PRO C 37 -9.52 17.29 -11.18
C PRO C 37 -8.03 17.12 -10.83
N VAL C 38 -7.17 17.23 -11.85
CA VAL C 38 -5.73 17.22 -11.68
C VAL C 38 -5.19 18.59 -11.97
N ASP C 39 -4.42 19.13 -11.02
CA ASP C 39 -3.71 20.38 -11.19
C ASP C 39 -2.18 20.20 -11.27
N LEU C 40 -1.68 20.28 -12.50
CA LEU C 40 -0.26 20.06 -12.79
C LEU C 40 0.68 20.91 -11.95
N GLU C 41 0.21 22.04 -11.45
CA GLU C 41 1.10 22.82 -10.58
C GLU C 41 1.30 22.10 -9.23
N LEU C 42 0.28 21.34 -8.86
CA LEU C 42 0.26 20.59 -7.63
C LEU C 42 1.03 19.28 -7.88
N VAL C 43 0.79 18.63 -9.02
CA VAL C 43 1.59 17.44 -9.35
C VAL C 43 3.08 17.71 -9.24
N ALA C 44 3.52 18.92 -9.57
CA ALA C 44 4.94 19.28 -9.52
C ALA C 44 5.44 19.55 -8.11
N LYS C 45 4.56 20.15 -7.30
CA LYS C 45 4.79 20.36 -5.87
C LYS C 45 4.99 19.01 -5.19
N GLN C 46 4.16 18.05 -5.58
CA GLN C 46 4.25 16.66 -5.14
C GLN C 46 5.49 15.89 -5.62
N ASN C 47 6.07 16.34 -6.74
CA ASN C 47 7.18 15.64 -7.34
C ASN C 47 8.35 16.61 -7.45
N PRO C 48 8.83 17.11 -6.30
CA PRO C 48 9.78 18.19 -6.45
C PRO C 48 11.13 17.76 -7.01
N ASN C 49 11.41 16.47 -7.09
CA ASN C 49 12.67 16.06 -7.70
C ASN C 49 12.65 16.01 -9.24
N VAL C 50 11.46 16.08 -9.83
CA VAL C 50 11.40 16.14 -11.30
C VAL C 50 11.86 17.52 -11.78
N LYS C 51 12.94 17.53 -12.57
CA LYS C 51 13.54 18.75 -13.11
C LYS C 51 12.86 19.18 -14.42
N MET C 52 13.09 20.43 -14.79
CA MET C 52 12.33 21.05 -15.89
C MET C 52 12.45 20.22 -17.15
N GLY C 53 11.34 20.06 -17.87
CA GLY C 53 11.33 19.21 -19.04
C GLY C 53 10.95 17.78 -18.70
N GLY C 54 10.59 17.53 -17.44
CA GLY C 54 10.19 16.20 -17.02
C GLY C 54 11.35 15.23 -16.94
N ARG C 55 12.43 15.64 -16.29
CA ARG C 55 13.65 14.83 -16.24
C ARG C 55 13.91 14.41 -14.82
N TYR C 56 14.29 13.16 -14.63
CA TYR C 56 14.64 12.69 -13.27
C TYR C 56 15.73 11.65 -13.29
N ALA C 57 16.64 11.72 -12.32
CA ALA C 57 17.53 10.58 -12.09
C ALA C 57 17.73 10.47 -10.58
N PRO C 58 17.96 9.27 -10.03
CA PRO C 58 18.15 9.18 -8.58
C PRO C 58 19.36 9.98 -8.11
N ARG C 59 19.19 10.66 -7.01
CA ARG C 59 20.28 11.35 -6.38
C ARG C 59 21.27 10.39 -5.73
N ASP C 60 20.83 9.23 -5.27
CA ASP C 60 21.72 8.44 -4.40
C ASP C 60 22.47 7.31 -5.11
N CYS C 61 22.17 7.07 -6.37
CA CYS C 61 22.78 5.95 -7.06
C CYS C 61 22.60 6.12 -8.57
N VAL C 62 23.40 5.40 -9.36
CA VAL C 62 23.41 5.52 -10.79
C VAL C 62 22.52 4.42 -11.31
N SER C 63 21.47 4.81 -12.01
CA SER C 63 20.58 3.84 -12.65
C SER C 63 21.23 3.38 -13.95
N PRO C 64 21.13 2.09 -14.27
CA PRO C 64 21.53 1.60 -15.61
C PRO C 64 20.51 1.87 -16.71
N HIS C 65 19.31 2.32 -16.29
CA HIS C 65 18.24 2.54 -17.22
C HIS C 65 18.11 4.00 -17.58
N LYS C 66 18.39 4.29 -18.84
CA LYS C 66 18.37 5.66 -19.32
C LYS C 66 17.25 5.64 -20.32
N VAL C 67 16.09 6.15 -19.90
CA VAL C 67 14.82 5.80 -20.55
C VAL C 67 14.15 7.06 -21.03
N ALA C 68 13.93 7.11 -22.34
CA ALA C 68 13.14 8.20 -22.85
C ALA C 68 11.74 7.63 -22.90
N ILE C 69 10.78 8.32 -22.28
CA ILE C 69 9.40 7.88 -22.40
C ILE C 69 8.63 8.72 -23.39
N ILE C 70 8.07 8.03 -24.39
CA ILE C 70 7.60 8.75 -25.56
C ILE C 70 6.12 8.53 -25.79
N ILE C 71 5.36 9.62 -25.72
CA ILE C 71 3.92 9.58 -25.84
C ILE C 71 3.42 10.25 -27.14
N PRO C 72 2.80 9.46 -28.02
CA PRO C 72 2.23 10.07 -29.22
C PRO C 72 1.00 10.86 -28.83
N PHE C 73 0.84 12.07 -29.36
CA PHE C 73 -0.14 13.02 -28.83
C PHE C 73 -0.78 13.98 -29.87
N ARG C 74 -2.10 14.22 -29.72
CA ARG C 74 -2.79 15.45 -30.17
C ARG C 74 -4.10 15.59 -29.42
N ASN C 75 -4.36 16.77 -28.89
CA ASN C 75 -5.62 17.04 -28.22
C ASN C 75 -6.09 15.94 -27.19
N ARG C 76 -5.21 15.52 -26.29
CA ARG C 76 -5.58 14.62 -25.17
C ARG C 76 -5.01 15.18 -23.87
N GLN C 77 -5.23 16.45 -23.61
CA GLN C 77 -4.54 17.13 -22.56
C GLN C 77 -5.03 16.65 -21.22
N GLU C 78 -6.27 16.16 -21.19
CA GLU C 78 -6.87 15.77 -19.94
C GLU C 78 -6.31 14.39 -19.56
N HIS C 79 -6.21 13.51 -20.54
CA HIS C 79 -5.52 12.26 -20.32
C HIS C 79 -4.10 12.53 -19.87
N LEU C 80 -3.35 13.33 -20.63
CA LEU C 80 -1.96 13.61 -20.27
C LEU C 80 -1.82 13.95 -18.77
N LYS C 81 -2.79 14.67 -18.24
CA LYS C 81 -2.69 15.16 -16.89
C LYS C 81 -2.78 14.02 -15.90
N TYR C 82 -3.65 13.03 -16.16
CA TYR C 82 -3.72 11.81 -15.38
C TYR C 82 -2.43 11.00 -15.55
N TRP C 83 -1.92 10.96 -16.79
CA TRP C 83 -0.77 10.15 -17.09
C TRP C 83 0.36 10.65 -16.21
N LEU C 84 0.53 11.95 -16.11
CA LEU C 84 1.65 12.49 -15.41
C LEU C 84 1.48 12.39 -13.88
N TYR C 85 0.24 12.50 -13.42
CA TYR C 85 -0.12 12.35 -12.01
C TYR C 85 0.35 10.98 -11.51
N TYR C 86 0.08 9.96 -12.32
CA TYR C 86 0.33 8.59 -11.99
C TYR C 86 1.73 8.11 -12.34
N LEU C 87 2.24 8.42 -13.54
CA LEU C 87 3.50 7.80 -13.95
C LEU C 87 4.70 8.35 -13.23
N HIS C 88 4.70 9.63 -12.94
CA HIS C 88 5.84 10.21 -12.33
C HIS C 88 6.21 9.62 -10.95
N PRO C 89 5.20 9.29 -10.09
CA PRO C 89 5.71 8.71 -8.84
C PRO C 89 6.25 7.33 -9.05
N VAL C 90 5.64 6.57 -9.96
CA VAL C 90 6.07 5.21 -10.32
C VAL C 90 7.49 5.15 -10.89
N LEU C 91 7.71 5.86 -11.99
CA LEU C 91 9.03 6.01 -12.59
C LEU C 91 10.13 6.41 -11.58
N GLN C 92 9.85 7.30 -10.65
CA GLN C 92 10.86 7.62 -9.64
C GLN C 92 11.11 6.43 -8.71
N ARG C 93 10.05 5.70 -8.38
CA ARG C 93 10.17 4.57 -7.46
C ARG C 93 10.97 3.45 -8.15
N GLN C 94 10.86 3.39 -9.47
CA GLN C 94 11.67 2.49 -10.29
C GLN C 94 13.15 2.89 -10.43
N GLN C 95 13.53 4.02 -9.83
CA GLN C 95 14.92 4.50 -9.88
C GLN C 95 15.44 4.60 -11.32
N LEU C 96 14.64 5.14 -12.22
CA LEU C 96 15.05 5.30 -13.60
C LEU C 96 15.71 6.67 -13.81
N ASP C 97 16.62 6.74 -14.78
CA ASP C 97 17.15 7.99 -15.25
C ASP C 97 16.34 8.27 -16.53
N TYR C 98 15.32 9.12 -16.44
CA TYR C 98 14.28 9.16 -17.47
C TYR C 98 13.87 10.58 -17.87
N GLY C 99 13.17 10.70 -19.00
CA GLY C 99 12.66 12.00 -19.43
C GLY C 99 11.37 11.75 -20.14
N ILE C 100 10.41 12.66 -19.99
CA ILE C 100 9.11 12.48 -20.61
C ILE C 100 9.05 13.33 -21.90
N TYR C 101 8.65 12.73 -23.02
CA TYR C 101 8.45 13.45 -24.28
C TYR C 101 7.05 13.26 -24.85
N VAL C 102 6.27 14.33 -24.83
CA VAL C 102 4.97 14.34 -25.51
C VAL C 102 5.11 14.74 -27.00
N ILE C 103 4.83 13.84 -27.92
CA ILE C 103 5.03 14.17 -29.34
C ILE C 103 3.74 14.64 -29.97
N ASN C 104 3.60 15.95 -30.11
CA ASN C 104 2.34 16.57 -30.46
C ASN C 104 2.29 16.81 -31.99
N GLN C 105 1.32 16.18 -32.66
CA GLN C 105 1.09 16.35 -34.10
C GLN C 105 0.50 17.73 -34.44
N ALA C 106 1.33 18.56 -35.09
CA ALA C 106 0.89 19.88 -35.56
C ALA C 106 -0.29 19.72 -36.50
N GLY C 107 -1.17 20.73 -36.48
CA GLY C 107 -2.26 20.85 -37.44
C GLY C 107 -3.37 19.82 -37.27
N ASP C 108 -4.18 19.67 -38.31
CA ASP C 108 -5.49 19.05 -38.16
C ASP C 108 -5.84 17.95 -39.13
N THR C 109 -4.84 17.40 -39.80
CA THR C 109 -5.06 16.23 -40.65
C THR C 109 -4.81 14.93 -39.89
N ILE C 110 -4.82 13.83 -40.63
CA ILE C 110 -5.05 12.51 -40.10
C ILE C 110 -3.84 11.99 -39.28
N PHE C 111 -4.15 11.49 -38.09
CA PHE C 111 -3.15 11.09 -37.11
C PHE C 111 -2.21 10.00 -37.61
N ASN C 112 -0.96 10.07 -37.18
CA ASN C 112 -0.04 8.99 -37.47
C ASN C 112 0.75 8.57 -36.23
N ARG C 113 0.24 7.58 -35.50
CA ARG C 113 0.83 7.18 -34.21
C ARG C 113 2.32 6.88 -34.31
N ALA C 114 2.65 5.92 -35.17
CA ALA C 114 3.98 5.30 -35.31
C ALA C 114 5.05 6.30 -35.76
N LYS C 115 4.63 7.30 -36.51
CA LYS C 115 5.54 8.29 -37.04
C LYS C 115 5.87 9.29 -35.93
N LEU C 116 4.87 9.63 -35.12
CA LEU C 116 5.12 10.41 -33.91
C LEU C 116 6.11 9.70 -32.97
N LEU C 117 5.94 8.40 -32.79
CA LEU C 117 6.93 7.60 -32.05
C LEU C 117 8.37 7.65 -32.62
N ASN C 118 8.50 7.53 -33.94
CA ASN C 118 9.81 7.64 -34.60
C ASN C 118 10.42 9.02 -34.33
N VAL C 119 9.60 10.06 -34.37
CA VAL C 119 10.11 11.36 -34.05
C VAL C 119 10.66 11.40 -32.61
N GLY C 120 9.91 10.81 -31.65
CA GLY C 120 10.35 10.88 -30.26
C GLY C 120 11.72 10.24 -30.12
N PHE C 121 11.89 9.08 -30.73
CA PHE C 121 13.17 8.39 -30.66
C PHE C 121 14.27 9.37 -31.07
N GLN C 122 14.07 9.96 -32.25
CA GLN C 122 15.13 10.77 -32.84
C GLN C 122 15.42 12.03 -32.04
N GLU C 123 14.38 12.74 -31.61
CA GLU C 123 14.54 13.98 -30.87
C GLU C 123 15.00 13.79 -29.45
N ALA C 124 14.50 12.77 -28.77
CA ALA C 124 14.96 12.55 -27.41
C ALA C 124 16.45 12.33 -27.43
N LEU C 125 16.93 11.60 -28.44
CA LEU C 125 18.37 11.35 -28.55
C LEU C 125 19.19 12.64 -28.71
N LYS C 126 18.59 13.73 -29.16
CA LYS C 126 19.32 15.00 -29.23
C LYS C 126 19.45 15.63 -27.84
N ASP C 127 18.62 15.23 -26.87
CA ASP C 127 18.75 15.72 -25.49
C ASP C 127 19.83 15.02 -24.72
N TYR C 128 19.91 13.70 -24.86
CA TYR C 128 20.67 12.91 -23.87
C TYR C 128 20.92 11.54 -24.49
N ASP C 129 21.94 10.87 -23.99
CA ASP C 129 22.32 9.54 -24.45
CA ASP C 129 22.28 9.54 -24.52
C ASP C 129 21.39 8.41 -23.93
N TYR C 130 20.07 8.51 -24.16
CA TYR C 130 19.14 7.44 -23.77
C TYR C 130 19.45 6.14 -24.48
N THR C 131 19.37 5.02 -23.76
CA THR C 131 19.58 3.74 -24.37
C THR C 131 18.34 2.84 -24.33
N CYS C 132 17.22 3.42 -23.93
CA CYS C 132 16.02 2.63 -23.77
C CYS C 132 14.88 3.55 -24.06
N PHE C 133 13.91 3.08 -24.84
CA PHE C 133 12.76 3.88 -25.20
C PHE C 133 11.46 3.19 -24.82
N VAL C 134 10.61 3.88 -24.06
CA VAL C 134 9.30 3.34 -23.73
C VAL C 134 8.29 4.11 -24.56
N PHE C 135 7.53 3.40 -25.36
CA PHE C 135 6.47 4.03 -26.13
C PHE C 135 5.13 3.76 -25.48
N SER C 136 4.44 4.83 -25.12
CA SER C 136 3.22 4.73 -24.35
C SER C 136 2.08 5.60 -24.83
N ASP C 137 0.92 5.00 -25.09
CA ASP C 137 -0.27 5.79 -25.36
C ASP C 137 -0.55 6.58 -24.12
N VAL C 138 -1.23 7.71 -24.29
CA VAL C 138 -1.34 8.69 -23.22
C VAL C 138 -2.46 8.29 -22.22
N ASP C 139 -3.23 7.28 -22.55
CA ASP C 139 -4.40 6.97 -21.74
C ASP C 139 -4.24 5.59 -21.08
N LEU C 140 -2.99 5.13 -20.95
CA LEU C 140 -2.70 3.84 -20.31
C LEU C 140 -1.90 3.99 -19.02
N ILE C 141 -2.45 3.51 -17.92
CA ILE C 141 -1.86 3.73 -16.59
C ILE C 141 -1.58 2.37 -15.90
N PRO C 142 -0.32 2.07 -15.55
CA PRO C 142 -0.07 0.76 -14.96
C PRO C 142 -0.56 0.73 -13.49
N MET C 143 -1.10 -0.39 -13.01
CA MET C 143 -1.67 -0.41 -11.61
CA MET C 143 -1.57 -0.30 -11.62
C MET C 143 -0.60 -0.94 -10.65
N ASN C 144 0.46 -1.50 -11.23
CA ASN C 144 1.48 -2.21 -10.47
C ASN C 144 2.92 -1.80 -10.82
N ASP C 145 3.54 -1.06 -9.90
CA ASP C 145 4.88 -0.56 -10.09
C ASP C 145 5.96 -1.59 -10.21
N HIS C 146 5.66 -2.88 -10.15
CA HIS C 146 6.68 -3.90 -10.39
C HIS C 146 6.72 -4.10 -11.90
N ASN C 147 5.84 -3.41 -12.62
CA ASN C 147 5.81 -3.50 -14.10
C ASN C 147 6.86 -2.49 -14.59
N ALA C 148 8.04 -2.98 -14.94
CA ALA C 148 9.20 -2.11 -15.15
C ALA C 148 9.01 -1.34 -16.46
N TYR C 149 9.02 0.00 -16.38
CA TYR C 149 9.12 0.86 -17.58
C TYR C 149 10.56 1.05 -18.07
N ARG C 150 11.21 -0.05 -18.42
CA ARG C 150 12.53 0.08 -19.03
C ARG C 150 12.74 -1.13 -19.91
N CYS C 151 13.95 -1.27 -20.46
CA CYS C 151 14.22 -2.29 -21.48
C CYS C 151 14.81 -3.59 -20.97
N PHE C 152 14.64 -4.65 -21.75
CA PHE C 152 15.07 -6.02 -21.41
C PHE C 152 15.93 -6.58 -22.57
N SER C 153 16.43 -7.79 -22.41
CA SER C 153 17.24 -8.38 -23.46
C SER C 153 16.43 -8.71 -24.74
N GLN C 154 15.08 -8.73 -24.62
CA GLN C 154 14.20 -8.77 -25.78
C GLN C 154 13.23 -7.60 -25.65
N PRO C 155 12.59 -7.21 -26.76
CA PRO C 155 11.61 -6.14 -26.80
C PRO C 155 10.50 -6.43 -25.82
N ARG C 156 9.98 -5.39 -25.19
CA ARG C 156 9.21 -5.60 -23.97
C ARG C 156 7.83 -5.09 -24.21
N HIS C 157 6.85 -5.97 -24.08
CA HIS C 157 5.46 -5.54 -24.05
C HIS C 157 4.99 -5.38 -22.60
N ILE C 158 4.50 -4.21 -22.25
CA ILE C 158 4.34 -3.77 -20.88
C ILE C 158 2.86 -3.70 -20.45
N SER C 159 1.98 -3.22 -21.34
CA SER C 159 0.54 -3.10 -21.00
C SER C 159 -0.14 -4.44 -21.35
N VAL C 160 0.13 -5.50 -20.60
CA VAL C 160 -0.31 -6.82 -21.01
C VAL C 160 -1.76 -7.16 -20.58
N ALA C 161 -2.30 -6.49 -19.58
CA ALA C 161 -3.60 -6.90 -19.04
C ALA C 161 -4.42 -5.65 -18.82
N MET C 162 -4.97 -5.10 -19.90
CA MET C 162 -5.66 -3.84 -19.80
C MET C 162 -7.10 -4.13 -19.39
N ASP C 163 -7.67 -3.32 -18.51
CA ASP C 163 -9.09 -3.52 -18.16
C ASP C 163 -9.94 -3.59 -19.46
N LYS C 164 -9.70 -2.63 -20.33
CA LYS C 164 -10.47 -2.53 -21.57
C LYS C 164 -10.49 -3.82 -22.37
N PHE C 165 -9.51 -4.70 -22.18
CA PHE C 165 -9.55 -6.00 -22.87
C PHE C 165 -9.88 -7.16 -21.91
N GLY C 166 -10.59 -6.84 -20.83
CA GLY C 166 -10.87 -7.85 -19.82
C GLY C 166 -9.63 -8.47 -19.20
N PHE C 167 -8.63 -7.63 -18.92
CA PHE C 167 -7.52 -8.00 -18.04
C PHE C 167 -6.69 -9.11 -18.60
N SER C 168 -6.76 -9.27 -19.91
CA SER C 168 -5.76 -10.07 -20.58
C SER C 168 -5.37 -9.50 -21.97
N LEU C 169 -4.47 -10.19 -22.67
CA LEU C 169 -4.07 -9.77 -24.00
C LEU C 169 -5.27 -9.97 -24.90
N PRO C 170 -5.51 -9.05 -25.86
CA PRO C 170 -6.58 -9.32 -26.83
C PRO C 170 -6.22 -10.43 -27.79
N TYR C 171 -4.94 -10.61 -28.05
CA TYR C 171 -4.48 -11.77 -28.82
C TYR C 171 -2.98 -11.86 -28.52
N VAL C 172 -2.39 -13.03 -28.71
CA VAL C 172 -1.08 -13.27 -28.12
C VAL C 172 0.04 -12.45 -28.79
N GLN C 173 -0.17 -12.08 -30.05
CA GLN C 173 0.81 -11.30 -30.82
C GLN C 173 0.52 -9.81 -30.79
N TYR C 174 -0.38 -9.38 -29.90
CA TYR C 174 -0.66 -7.96 -29.69
C TYR C 174 0.50 -7.22 -29.00
N PHE C 175 0.86 -6.05 -29.56
CA PHE C 175 2.01 -5.25 -29.16
C PHE C 175 1.67 -3.76 -29.03
N GLY C 176 0.39 -3.41 -28.94
CA GLY C 176 0.02 -2.01 -28.74
C GLY C 176 0.07 -1.50 -27.30
N GLY C 177 -0.27 -0.23 -27.11
CA GLY C 177 -0.42 0.34 -25.80
C GLY C 177 0.87 0.91 -25.19
N VAL C 178 1.65 0.05 -24.55
CA VAL C 178 2.89 0.46 -23.93
C VAL C 178 3.90 -0.62 -24.28
N SER C 179 5.07 -0.20 -24.77
CA SER C 179 6.14 -1.17 -25.00
C SER C 179 7.46 -0.46 -24.77
N ALA C 180 8.54 -1.24 -24.69
CA ALA C 180 9.91 -0.72 -24.59
C ALA C 180 10.85 -1.44 -25.52
N LEU C 181 11.72 -0.68 -26.21
CA LEU C 181 12.75 -1.27 -27.06
C LEU C 181 14.05 -0.63 -26.65
N SER C 182 15.13 -1.39 -26.51
CA SER C 182 16.47 -0.79 -26.37
C SER C 182 16.76 0.00 -27.63
N LYS C 183 17.76 0.86 -27.57
CA LYS C 183 18.16 1.63 -28.74
C LYS C 183 18.52 0.64 -29.86
N GLN C 184 19.29 -0.39 -29.50
CA GLN C 184 19.68 -1.41 -30.44
C GLN C 184 18.48 -2.15 -31.03
N GLN C 185 17.52 -2.54 -30.18
CA GLN C 185 16.36 -3.26 -30.71
C GLN C 185 15.65 -2.40 -31.74
N PHE C 186 15.53 -1.11 -31.46
CA PHE C 186 14.89 -0.17 -32.36
C PHE C 186 15.62 0.05 -33.71
N LEU C 187 16.92 0.25 -33.63
CA LEU C 187 17.74 0.38 -34.84
C LEU C 187 17.71 -0.91 -35.65
N THR C 188 17.67 -2.05 -34.97
CA THR C 188 17.75 -3.31 -35.70
C THR C 188 16.56 -3.48 -36.65
N ILE C 189 15.41 -2.88 -36.31
CA ILE C 189 14.22 -3.06 -37.13
C ILE C 189 13.92 -1.84 -37.99
N ASN C 190 14.90 -0.95 -38.16
CA ASN C 190 14.72 0.33 -38.85
C ASN C 190 13.58 1.16 -38.30
N GLY C 191 13.45 1.21 -36.99
CA GLY C 191 12.36 1.94 -36.37
C GLY C 191 11.00 1.41 -36.79
N PHE C 192 10.00 2.27 -36.70
CA PHE C 192 8.61 1.91 -36.90
C PHE C 192 8.25 2.45 -38.30
N PRO C 193 7.14 1.99 -38.89
CA PRO C 193 6.79 2.44 -40.22
C PRO C 193 6.20 3.84 -40.21
N ASN C 194 6.38 4.56 -41.32
CA ASN C 194 5.89 5.96 -41.43
C ASN C 194 4.56 6.13 -42.10
N ASN C 195 4.09 5.07 -42.75
CA ASN C 195 2.90 5.18 -43.61
C ASN C 195 1.62 4.49 -43.13
N TYR C 196 1.46 4.35 -41.82
CA TYR C 196 0.18 3.97 -41.26
C TYR C 196 -0.53 5.23 -40.84
N TRP C 197 -1.49 5.68 -41.64
CA TRP C 197 -2.29 6.88 -41.34
C TRP C 197 -3.66 6.46 -40.81
N GLY C 198 -4.08 7.07 -39.71
CA GLY C 198 -5.30 6.67 -39.04
C GLY C 198 -5.12 5.41 -38.20
N TRP C 199 -6.17 5.08 -37.45
CA TRP C 199 -6.18 3.96 -36.52
C TRP C 199 -5.91 2.58 -37.12
N GLY C 200 -5.05 1.83 -36.43
CA GLY C 200 -4.88 0.39 -36.64
C GLY C 200 -3.67 -0.11 -37.39
N GLY C 201 -3.17 -1.26 -36.97
CA GLY C 201 -2.19 -2.04 -37.72
C GLY C 201 -0.73 -1.72 -37.49
N GLU C 202 -0.43 -0.49 -37.09
CA GLU C 202 0.98 -0.09 -37.03
C GLU C 202 1.73 -0.88 -35.95
N ASP C 203 1.08 -1.11 -34.81
CA ASP C 203 1.63 -1.96 -33.75
C ASP C 203 1.83 -3.39 -34.22
N ASP C 204 0.90 -3.88 -35.04
CA ASP C 204 1.09 -5.19 -35.66
C ASP C 204 2.32 -5.20 -36.57
N ASP C 205 2.47 -4.11 -37.34
CA ASP C 205 3.61 -4.02 -38.23
C ASP C 205 4.92 -4.09 -37.43
N ILE C 206 4.98 -3.33 -36.34
CA ILE C 206 6.12 -3.36 -35.42
C ILE C 206 6.40 -4.75 -34.90
N PHE C 207 5.36 -5.44 -34.46
CA PHE C 207 5.52 -6.83 -34.05
C PHE C 207 6.16 -7.68 -35.15
N ASN C 208 5.65 -7.61 -36.39
CA ASN C 208 6.28 -8.35 -37.49
C ASN C 208 7.76 -8.03 -37.69
N ARG C 209 8.08 -6.74 -37.71
CA ARG C 209 9.47 -6.27 -37.78
C ARG C 209 10.36 -6.99 -36.76
N LEU C 210 9.89 -7.03 -35.50
CA LEU C 210 10.66 -7.66 -34.42
C LEU C 210 10.87 -9.16 -34.70
N VAL C 211 9.79 -9.80 -35.14
CA VAL C 211 9.86 -11.22 -35.40
C VAL C 211 10.80 -11.48 -36.58
N PHE C 212 10.67 -10.65 -37.62
CA PHE C 212 11.54 -10.82 -38.79
C PHE C 212 12.99 -10.54 -38.44
N ARG C 213 13.26 -9.78 -37.38
CA ARG C 213 14.65 -9.59 -37.02
C ARG C 213 15.17 -10.58 -36.03
N GLY C 214 14.43 -11.66 -35.81
CA GLY C 214 14.88 -12.69 -34.89
C GLY C 214 14.58 -12.50 -33.41
N MET C 215 13.70 -11.55 -33.07
CA MET C 215 13.38 -11.25 -31.67
C MET C 215 12.07 -11.87 -31.14
N SER C 216 11.89 -11.93 -29.81
CA SER C 216 10.64 -12.39 -29.22
CA SER C 216 10.62 -12.36 -29.26
C SER C 216 10.09 -11.32 -28.28
N ILE C 217 8.83 -11.46 -27.89
CA ILE C 217 8.22 -10.47 -27.03
C ILE C 217 8.31 -10.87 -25.56
N SER C 218 9.01 -10.09 -24.76
CA SER C 218 9.10 -10.33 -23.31
C SER C 218 7.92 -9.61 -22.65
N ARG C 219 7.36 -10.21 -21.60
CA ARG C 219 6.17 -9.64 -20.93
C ARG C 219 6.22 -9.85 -19.43
N PRO C 220 5.79 -8.86 -18.63
CA PRO C 220 5.54 -9.27 -17.22
C PRO C 220 4.35 -10.27 -17.11
N ASN C 221 4.04 -10.77 -15.91
CA ASN C 221 2.81 -11.57 -15.76
C ASN C 221 1.55 -10.71 -15.81
N ALA C 222 0.43 -11.33 -16.13
CA ALA C 222 -0.85 -10.63 -16.17
C ALA C 222 -1.11 -9.81 -14.91
N VAL C 223 -0.79 -10.37 -13.75
CA VAL C 223 -1.12 -9.60 -12.56
C VAL C 223 -0.26 -8.33 -12.52
N VAL C 224 1.04 -8.50 -12.69
CA VAL C 224 1.92 -7.34 -12.58
C VAL C 224 1.64 -6.34 -13.68
N GLY C 225 1.24 -6.88 -14.84
CA GLY C 225 1.10 -6.07 -16.02
C GLY C 225 -0.30 -5.53 -16.20
N THR C 226 -1.06 -5.49 -15.10
CA THR C 226 -2.42 -4.97 -15.11
C THR C 226 -2.37 -3.48 -15.36
N THR C 227 -3.21 -3.04 -16.29
CA THR C 227 -3.19 -1.65 -16.81
C THR C 227 -4.58 -1.01 -16.94
N ARG C 228 -4.73 0.23 -16.54
CA ARG C 228 -6.01 0.90 -16.69
C ARG C 228 -6.03 1.85 -17.92
N HIS C 229 -7.11 1.78 -18.70
CA HIS C 229 -7.30 2.62 -19.88
C HIS C 229 -8.34 3.70 -19.61
N ILE C 230 -7.93 4.97 -19.69
CA ILE C 230 -8.90 6.06 -19.50
C ILE C 230 -9.98 5.99 -20.60
N ARG C 231 -11.23 5.72 -20.20
CA ARG C 231 -12.35 5.51 -21.11
C ARG C 231 -12.60 6.80 -21.94
N HIS C 232 -12.75 6.69 -23.25
CA HIS C 232 -12.92 7.90 -24.11
C HIS C 232 -13.66 7.63 -25.42
N SER C 233 -14.37 8.63 -25.94
CA SER C 233 -15.00 8.51 -27.28
C SER C 233 -13.99 8.66 -28.43
N ARG C 234 -14.39 8.27 -29.64
CA ARG C 234 -13.51 8.32 -30.81
C ARG C 234 -12.86 9.71 -31.01
N ASP C 235 -11.62 9.72 -31.49
CA ASP C 235 -10.98 11.00 -31.79
C ASP C 235 -11.45 11.41 -33.19
N LYS C 236 -11.66 12.71 -33.38
CA LYS C 236 -11.80 13.24 -34.75
C LYS C 236 -10.43 13.05 -35.46
N LYS C 237 -10.44 12.57 -36.70
CA LYS C 237 -9.24 12.55 -37.55
C LYS C 237 -8.26 11.41 -37.27
N ASN C 238 -8.79 10.24 -36.94
CA ASN C 238 -8.00 9.03 -36.79
C ASN C 238 -8.92 7.86 -37.09
N GLU C 239 -9.44 7.85 -38.31
CA GLU C 239 -10.36 6.82 -38.77
C GLU C 239 -9.61 5.53 -38.98
N PRO C 240 -10.27 4.38 -38.72
CA PRO C 240 -9.75 3.08 -39.10
C PRO C 240 -9.17 3.09 -40.51
N ASN C 241 -7.88 2.81 -40.64
CA ASN C 241 -7.20 2.88 -41.92
C ASN C 241 -7.52 1.61 -42.68
N PRO C 242 -8.21 1.76 -43.85
CA PRO C 242 -8.65 0.56 -44.58
C PRO C 242 -7.52 -0.19 -45.27
N GLN C 243 -6.39 0.47 -45.53
CA GLN C 243 -5.24 -0.23 -46.11
C GLN C 243 -4.43 -1.06 -45.11
N ARG C 244 -4.79 -1.01 -43.82
CA ARG C 244 -3.94 -1.58 -42.75
C ARG C 244 -3.63 -3.08 -42.90
N PHE C 245 -4.63 -3.86 -43.31
CA PHE C 245 -4.44 -5.30 -43.55
C PHE C 245 -3.45 -5.63 -44.67
N ASP C 246 -3.52 -4.90 -45.79
CA ASP C 246 -2.52 -5.08 -46.85
C ASP C 246 -1.15 -4.72 -46.34
N ARG C 247 -1.09 -3.64 -45.55
CA ARG C 247 0.19 -3.14 -45.04
C ARG C 247 0.92 -4.17 -44.16
N ILE C 248 0.23 -4.73 -43.16
CA ILE C 248 0.86 -5.70 -42.26
C ILE C 248 1.35 -6.98 -42.96
N ALA C 249 0.68 -7.36 -44.05
CA ALA C 249 1.06 -8.55 -44.82
C ALA C 249 2.41 -8.38 -45.53
N HIS C 250 2.80 -7.12 -45.77
CA HIS C 250 4.03 -6.83 -46.54
C HIS C 250 5.21 -6.26 -45.72
N THR C 251 5.12 -6.39 -44.40
CA THR C 251 6.11 -5.81 -43.50
C THR C 251 7.54 -6.23 -43.79
N LYS C 252 7.77 -7.50 -44.13
CA LYS C 252 9.14 -7.95 -44.37
C LYS C 252 9.84 -7.19 -45.52
N GLU C 253 9.07 -6.78 -46.52
CA GLU C 253 9.62 -6.08 -47.70
C GLU C 253 9.82 -4.61 -47.36
N THR C 254 8.73 -3.99 -46.93
CA THR C 254 8.65 -2.55 -46.78
C THR C 254 9.56 -2.03 -45.65
N MET C 255 9.95 -2.89 -44.72
CA MET C 255 10.69 -2.43 -43.54
C MET C 255 12.13 -2.10 -43.90
N LEU C 256 12.64 -2.70 -44.98
CA LEU C 256 13.99 -2.39 -45.41
C LEU C 256 14.11 -0.90 -45.75
N SER C 257 13.05 -0.32 -46.30
CA SER C 257 13.11 1.01 -46.91
C SER C 257 12.12 2.02 -46.33
N ASP C 258 11.31 1.58 -45.36
CA ASP C 258 10.42 2.49 -44.65
C ASP C 258 10.58 2.47 -43.10
N GLY C 259 10.75 3.64 -42.52
CA GLY C 259 11.09 3.73 -41.12
C GLY C 259 12.07 4.85 -40.84
N LEU C 260 13.09 4.55 -40.03
CA LEU C 260 13.97 5.57 -39.48
C LEU C 260 14.80 6.16 -40.64
N ASN C 261 15.26 5.31 -41.53
CA ASN C 261 15.99 5.76 -42.71
C ASN C 261 15.14 6.44 -43.80
N SER C 262 13.86 6.68 -43.57
CA SER C 262 13.01 7.31 -44.58
C SER C 262 12.23 8.40 -43.85
N LEU C 263 12.64 8.65 -42.61
CA LEU C 263 11.85 9.50 -41.73
C LEU C 263 12.08 10.99 -42.01
N THR C 264 10.98 11.72 -42.23
CA THR C 264 11.08 13.15 -42.51
C THR C 264 9.99 13.89 -41.71
N TYR C 265 10.32 15.05 -41.15
CA TYR C 265 9.36 15.84 -40.37
C TYR C 265 9.97 17.20 -40.06
N GLN C 266 9.17 18.15 -39.59
CA GLN C 266 9.74 19.39 -39.12
C GLN C 266 9.27 19.81 -37.70
N VAL C 267 10.22 20.00 -36.79
CA VAL C 267 9.87 20.46 -35.45
C VAL C 267 9.45 21.93 -35.49
N LEU C 268 8.29 22.26 -34.93
CA LEU C 268 7.85 23.65 -34.88
C LEU C 268 8.14 24.37 -33.56
N ASP C 269 7.87 23.68 -32.43
CA ASP C 269 8.20 24.19 -31.08
C ASP C 269 8.46 23.09 -30.05
N VAL C 270 9.36 23.38 -29.14
CA VAL C 270 9.72 22.47 -28.07
C VAL C 270 9.39 23.27 -26.81
N GLN C 271 8.44 22.78 -26.02
CA GLN C 271 8.14 23.37 -24.73
C GLN C 271 8.85 22.55 -23.65
N ARG C 272 9.66 23.20 -22.81
CA ARG C 272 10.13 22.57 -21.57
C ARG C 272 9.15 22.88 -20.41
N TYR C 273 8.10 22.08 -20.25
CA TYR C 273 7.19 22.24 -19.11
C TYR C 273 7.78 21.57 -17.84
N PRO C 274 7.25 21.94 -16.65
CA PRO C 274 7.86 21.35 -15.45
C PRO C 274 7.93 19.84 -15.48
N LEU C 275 6.88 19.21 -16.01
CA LEU C 275 6.71 17.76 -15.93
C LEU C 275 6.96 16.97 -17.20
N TYR C 276 7.26 17.66 -18.31
CA TYR C 276 7.41 17.02 -19.60
C TYR C 276 7.88 18.00 -20.67
N THR C 277 8.47 17.43 -21.72
CA THR C 277 8.91 18.16 -22.89
C THR C 277 7.88 17.85 -23.99
N GLN C 278 7.24 18.90 -24.52
CA GLN C 278 6.34 18.73 -25.67
C GLN C 278 7.05 19.17 -26.96
N ILE C 279 7.33 18.19 -27.84
CA ILE C 279 7.75 18.46 -29.21
C ILE C 279 6.54 18.51 -30.18
N THR C 280 6.21 19.72 -30.63
CA THR C 280 5.15 19.89 -31.65
C THR C 280 5.78 19.78 -33.04
N VAL C 281 5.30 18.83 -33.83
CA VAL C 281 6.00 18.45 -35.03
C VAL C 281 5.03 18.32 -36.22
N ASP C 282 5.55 18.68 -37.41
CA ASP C 282 4.81 18.58 -38.69
C ASP C 282 5.29 17.30 -39.29
N ILE C 283 4.41 16.31 -39.30
CA ILE C 283 4.78 15.01 -39.86
C ILE C 283 4.18 14.78 -41.26
N GLY C 284 3.48 15.78 -41.78
CA GLY C 284 3.05 15.77 -43.18
C GLY C 284 1.70 15.12 -43.34
N THR C 285 1.47 14.53 -44.52
CA THR C 285 0.15 14.06 -44.92
C THR C 285 0.34 12.82 -45.77
N PRO C 286 -0.71 11.99 -45.85
CA PRO C 286 -0.63 10.79 -46.68
C PRO C 286 -0.41 11.16 -48.15
N SER C 287 0.51 10.43 -48.78
CA SER C 287 1.02 10.78 -50.11
C SER C 287 -0.04 10.63 -51.20
C1 MMA D . -18.59 -20.55 23.26
C2 MMA D . -17.70 -21.15 24.35
C3 MMA D . -18.12 -20.59 25.71
C4 MMA D . -18.03 -19.06 25.71
C5 MMA D . -18.91 -18.55 24.57
C6 MMA D . -18.99 -17.02 24.50
C7 MMA D . -20.70 -21.45 22.28
O1 MMA D . -19.94 -21.03 23.28
O2 MMA D . -16.35 -20.81 24.07
O3 MMA D . -17.29 -21.15 26.72
O4 MMA D . -18.47 -18.50 26.92
O5 MMA D . -18.47 -19.14 23.34
O6 MMA D . -20.26 -16.62 23.95
C1 NAG D . -20.17 -16.51 22.50
C2 NAG D . -21.58 -16.45 21.92
C3 NAG D . -21.67 -15.99 20.47
C4 NAG D . -20.80 -14.76 20.27
C5 NAG D . -19.37 -15.02 20.76
C6 NAG D . -18.48 -13.80 20.58
C7 NAG D . -23.09 -17.90 23.12
C8 NAG D . -23.79 -19.21 23.27
N2 NAG D . -22.28 -17.71 22.08
O3 NAG D . -23.03 -15.78 20.16
O4 NAG D . -20.68 -14.55 18.88
O5 NAG D . -19.35 -15.41 22.12
O6 NAG D . -19.02 -12.68 21.27
O7 NAG D . -23.26 -17.01 23.97
C1 MMA E . 35.30 2.38 8.15
C2 MMA E . 36.12 2.03 6.90
C3 MMA E . 36.87 3.24 6.32
C4 MMA E . 35.90 4.40 6.09
C5 MMA E . 35.29 4.72 7.46
C6 MMA E . 34.27 5.86 7.43
C7 MMA E . 36.13 1.94 10.64
O1 MMA E . 36.00 2.39 9.40
O2 MMA E . 35.24 1.51 5.90
O3 MMA E . 37.54 2.84 5.14
O4 MMA E . 36.50 5.56 5.52
O5 MMA E . 34.60 3.58 7.92
O6 MMA E . 34.05 6.23 8.78
C1 NAG E . 32.84 5.73 9.41
C2 NAG E . 32.80 6.28 10.83
C3 NAG E . 31.43 6.04 11.45
C4 NAG E . 30.30 6.53 10.55
C5 NAG E . 30.46 5.82 9.21
C6 NAG E . 29.38 6.14 8.20
C7 NAG E . 35.04 6.38 11.77
C8 NAG E . 36.13 5.73 12.59
N2 NAG E . 33.90 5.72 11.62
O3 NAG E . 31.33 6.58 12.75
O4 NAG E . 29.09 6.05 11.08
O5 NAG E . 31.71 6.13 8.66
O6 NAG E . 29.19 7.52 8.00
O7 NAG E . 35.22 7.50 11.27
C1 MMA F . -5.58 -9.22 -35.13
C2 MMA F . -6.51 -10.39 -35.41
C3 MMA F . -7.90 -9.93 -35.87
C4 MMA F . -8.53 -8.83 -34.99
C5 MMA F . -7.50 -7.71 -34.84
C6 MMA F . -7.99 -6.56 -33.95
C7 MMA F . -4.25 -9.07 -37.43
O1 MMA F . -4.94 -8.76 -36.32
O2 MMA F . -6.56 -11.17 -34.24
O3 MMA F . -8.76 -11.04 -36.00
O4 MMA F . -9.70 -8.29 -35.56
O5 MMA F . -6.25 -8.22 -34.37
O6 MMA F . -7.37 -5.39 -34.44
C1 NAG F . -6.29 -4.90 -33.58
C2 NAG F . -5.52 -3.81 -34.34
C3 NAG F . -4.49 -3.12 -33.43
C4 NAG F . -5.13 -2.61 -32.14
C5 NAG F . -5.85 -3.80 -31.47
C6 NAG F . -6.61 -3.44 -30.20
C7 NAG F . -5.33 -4.11 -36.76
C8 NAG F . -4.57 -4.76 -37.88
N2 NAG F . -4.88 -4.36 -35.51
O3 NAG F . -3.83 -2.09 -34.12
O4 NAG F . -4.17 -2.03 -31.28
O5 NAG F . -6.78 -4.39 -32.36
O6 NAG F . -7.38 -2.25 -30.31
O7 NAG F . -6.29 -3.39 -37.04
N1 UDP G . -27.51 -4.74 15.77
C2 UDP G . -28.12 -3.53 15.45
N3 UDP G . -28.85 -2.87 16.43
C4 UDP G . -28.99 -3.39 17.68
C5 UDP G . -28.39 -4.62 18.03
C6 UDP G . -27.49 -5.17 17.10
O2 UDP G . -28.03 -3.00 14.32
O4 UDP G . -29.69 -2.70 18.43
C1' UDP G . -26.79 -5.46 14.67
C2' UDP G . -25.51 -4.82 14.18
O2' UDP G . -25.38 -5.19 12.79
C3' UDP G . -24.52 -5.51 15.11
C4' UDP G . -25.03 -6.94 15.18
O4' UDP G . -26.42 -6.78 15.06
O3' UDP G . -23.24 -5.46 14.51
C5' UDP G . -24.62 -7.79 16.40
O5' UDP G . -24.76 -7.18 17.67
PA UDP G . -23.56 -6.53 18.63
O1A UDP G . -22.90 -5.34 18.04
O2A UDP G . -24.13 -6.16 19.95
O3A UDP G . -22.41 -7.63 18.96
PB UDP G . -21.19 -7.23 19.96
O1B UDP G . -20.56 -8.51 20.42
O2B UDP G . -21.65 -6.54 21.20
O3B UDP G . -20.27 -6.34 19.21
MN MN H . -20.64 -4.98 17.91
S SO4 I . -10.32 4.53 15.82
O1 SO4 I . -10.04 4.19 14.41
O2 SO4 I . -11.55 5.32 15.90
O3 SO4 I . -10.48 3.34 16.64
O4 SO4 I . -9.19 5.29 16.37
S SO4 J . -15.85 -0.57 -13.47
O1 SO4 J . -14.85 0.32 -14.09
O2 SO4 J . -15.79 -0.41 -12.01
O3 SO4 J . -17.19 -0.14 -13.89
O4 SO4 J . -15.63 -1.94 -13.92
S SO4 K . -8.47 -19.30 0.46
O1 SO4 K . -8.53 -18.42 1.63
O2 SO4 K . -7.11 -19.82 0.38
O3 SO4 K . -9.44 -20.38 0.54
O4 SO4 K . -8.71 -18.54 -0.77
S SO4 L . -39.79 -22.83 22.41
O1 SO4 L . -39.76 -21.38 22.37
O2 SO4 L . -38.81 -23.35 21.46
O3 SO4 L . -41.09 -23.37 21.99
O4 SO4 L . -39.47 -23.22 23.80
C1 GOL M . -24.74 -12.13 19.58
O1 GOL M . -25.82 -12.40 18.72
C2 GOL M . -23.42 -11.98 18.81
O2 GOL M . -23.43 -10.74 18.10
C3 GOL M . -23.31 -13.19 17.88
O3 GOL M . -23.68 -12.88 16.54
C1 GOL N . -40.80 -23.46 14.89
O1 GOL N . -41.04 -22.87 16.14
C2 GOL N . -41.56 -24.75 14.67
O2 GOL N . -42.17 -24.52 13.40
C3 GOL N . -42.46 -25.08 15.87
O3 GOL N . -43.83 -24.79 15.60
N1 UDP O . 22.82 15.04 16.51
C2 UDP O . 22.04 16.13 16.91
N3 UDP O . 22.51 17.42 16.88
C4 UDP O . 23.81 17.64 16.45
C5 UDP O . 24.62 16.56 16.04
C6 UDP O . 24.11 15.25 16.05
O2 UDP O . 20.88 15.98 17.31
O4 UDP O . 24.23 18.80 16.45
C1' UDP O . 22.23 13.68 16.59
C2' UDP O . 21.13 13.51 15.56
O2' UDP O . 20.23 12.55 16.09
C3' UDP O . 21.91 12.97 14.37
C4' UDP O . 22.90 12.03 15.03
O4' UDP O . 23.15 12.65 16.31
O3' UDP O . 21.07 12.30 13.47
C5' UDP O . 24.19 11.75 14.25
O5' UDP O . 24.71 12.89 13.60
PA UDP O . 24.67 13.28 11.98
O1A UDP O . 23.32 13.60 11.44
O2A UDP O . 25.52 14.48 11.77
O3A UDP O . 25.39 12.09 11.13
PB UDP O . 25.85 12.30 9.57
O1B UDP O . 26.78 11.16 9.28
O2B UDP O . 26.58 13.60 9.38
O3B UDP O . 24.65 12.35 8.67
MN MN P . 22.45 13.03 9.50
S SO4 Q . -4.98 0.38 19.78
O1 SO4 Q . -4.39 -0.87 20.26
O2 SO4 Q . -6.35 0.39 19.20
O3 SO4 Q . -5.03 1.35 20.90
O4 SO4 Q . -4.04 0.80 18.73
S SO4 R . 38.02 12.55 27.66
O1 SO4 R . 38.76 11.26 27.82
O2 SO4 R . 36.64 12.48 28.16
O3 SO4 R . 38.75 13.56 28.41
O4 SO4 R . 38.03 13.01 26.26
S SO4 S . 19.36 22.17 6.93
O1 SO4 S . 20.42 21.84 5.97
O2 SO4 S . 18.14 21.47 6.54
O3 SO4 S . 19.76 21.74 8.26
O4 SO4 S . 19.11 23.61 6.89
S SO4 T . 12.36 15.07 0.03
O1 SO4 T . 11.80 15.46 -1.28
O2 SO4 T . 13.80 14.87 0.03
O3 SO4 T . 12.14 16.20 0.94
O4 SO4 T . 11.69 13.85 0.48
S SO4 U . 14.43 -11.10 10.38
O1 SO4 U . 14.48 -12.11 9.33
O2 SO4 U . 14.34 -9.77 9.74
O3 SO4 U . 13.22 -11.34 11.17
O4 SO4 U . 15.65 -11.27 11.18
S SO4 V . 4.55 22.01 16.92
O1 SO4 V . 5.90 21.80 17.45
O2 SO4 V . 4.45 21.41 15.59
O3 SO4 V . 3.53 21.48 17.84
O4 SO4 V . 4.34 23.47 16.80
S SO4 W . 15.70 -13.87 16.92
O1 SO4 W . 16.74 -13.68 15.90
O2 SO4 W . 14.37 -13.54 16.38
O3 SO4 W . 15.94 -13.01 18.07
O4 SO4 W . 15.75 -15.25 17.40
C1 GOL X . 29.05 9.96 13.75
O1 GOL X . 29.35 9.76 15.12
C2 GOL X . 27.94 9.10 13.10
O2 GOL X . 27.07 9.92 12.34
C3 GOL X . 27.03 8.58 14.20
O3 GOL X . 27.42 7.27 14.53
N1 UDP Y . -3.69 9.87 -29.95
C2 UDP Y . -3.95 11.18 -29.57
N3 UDP Y . -4.91 11.89 -30.26
C4 UDP Y . -5.60 11.33 -31.31
C5 UDP Y . -5.34 10.03 -31.69
C6 UDP Y . -4.51 9.28 -30.87
O2 UDP Y . -3.36 11.73 -28.65
O4 UDP Y . -6.46 11.99 -31.92
C1' UDP Y . -2.65 9.05 -29.26
C2' UDP Y . -2.96 8.82 -27.78
O2' UDP Y . -1.70 8.67 -27.13
C3' UDP Y . -3.73 7.51 -27.87
C4' UDP Y . -2.96 6.75 -28.94
O4' UDP Y . -2.50 7.77 -29.84
O3' UDP Y . -3.76 6.84 -26.65
C5' UDP Y . -3.78 5.66 -29.63
O5' UDP Y . -5.07 6.13 -30.02
PA UDP Y . -6.48 5.81 -29.25
O1A UDP Y . -6.39 6.21 -27.83
O2A UDP Y . -7.63 6.56 -29.84
O3A UDP Y . -6.71 4.22 -29.42
PB UDP Y . -7.96 3.39 -28.78
O1B UDP Y . -7.92 2.03 -29.38
O2B UDP Y . -9.22 4.10 -29.14
O3B UDP Y . -7.84 3.29 -27.30
MN MN Z . -7.38 4.90 -26.03
S SO4 AA . 15.91 11.38 -5.07
O1 SO4 AA . 15.92 11.63 -3.63
O2 SO4 AA . 17.11 10.69 -5.54
O3 SO4 AA . 14.73 10.60 -5.47
O4 SO4 AA . 15.83 12.74 -5.64
S SO4 BA . -12.70 6.05 -12.83
O1 SO4 BA . -12.94 4.95 -13.76
O2 SO4 BA . -12.66 7.31 -13.59
O3 SO4 BA . -13.71 6.18 -11.78
O4 SO4 BA . -11.42 5.80 -12.17
S SO4 CA . -14.26 12.07 -23.98
O1 SO4 CA . -14.22 10.65 -24.25
O2 SO4 CA . -14.55 12.77 -25.23
O3 SO4 CA . -15.32 12.39 -23.01
O4 SO4 CA . -12.98 12.52 -23.41
C1 GOL DA . -4.44 1.51 -33.26
O1 GOL DA . -3.51 2.28 -34.01
C2 GOL DA . -4.19 1.54 -31.75
O2 GOL DA . -4.98 2.51 -31.10
C3 GOL DA . -2.74 1.91 -31.51
O3 GOL DA . -1.98 0.77 -31.81
#